data_7A9H
#
_entry.id   7A9H
#
_cell.length_a   62.987
_cell.length_b   76.100
_cell.length_c   79.148
_cell.angle_alpha   108.956
_cell.angle_beta   106.530
_cell.angle_gamma   107.594
#
_symmetry.space_group_name_H-M   'P 1'
#
loop_
_entity.id
_entity.type
_entity.pdbx_description
1 polymer '1-deoxy-D-xylulose-5-phosphate synthase,1-deoxy-D-xylulose-5-phosphate synthase'
2 non-polymer 'MAGNESIUM ION'
3 non-polymer 'THIAMINE DIPHOSPHATE'
4 water water
#
_entity_poly.entity_id   1
_entity_poly.type   'polypeptide(L)'
_entity_poly.pdbx_seq_one_letter_code
;MKHHHHHHPMSDYDIPTTENLYFQGAMGMLQQIRGPADLQHLSQAQLRELAAEIREFLIHKVAATGGHLGPNLGVVELTL
ALHRVFDSPHDPIIFDTGHQAYVHKMLTGRSQDFATLRKKGGLSGYPSRAESEHDWVESSHASAALSYADGLAKAFELTG
HRNRHVVAVVGDGALTGGMCWEALNNIAASRRPVIIVVNDNGRSYAPTIGGVADHLAGGGGGGGPQLLFTDLGLKYVGPV
DGHDERAVEVALRSARRFGAPVIVHVVTRKGMGYPPAEADQAEQMHSTVPIDPATGQATKVAGPGWTATFSDALIGYAQK
RRDIVAITAAMPGPTGLTAFGQRFPDRLFDVGIAEQHAMTSAAGLAMGGLHPVVAIYSTFLNRAFDQIMMDVALHKLPVT
MVLDRAGITGSDGASHNGMWDLSMLGIVPGIRVAAPRDATRLREELGEALDVDDGPTALRFPKGDVGEDISALERRGGVD
VLAAPADGLNHDVLLVAIGAFAPMALAVAKRLHNQGIGVTVIDPRWVLPVSDGVRELAVQHKLLVTLEDNGVNGGAGSAV
SAALRRAEIDVPCRDVGLPQEFYEHASRSEVLADLGLTDQDVARRITGWVAALGTGVCASDAIPEHLD
;
_entity_poly.pdbx_strand_id   AAA,BBB
#
loop_
_chem_comp.id
_chem_comp.type
_chem_comp.name
_chem_comp.formula
MG non-polymer 'MAGNESIUM ION' 'Mg 2'
TPP non-polymer 'THIAMINE DIPHOSPHATE' 'C12 H19 N4 O7 P2 S 1'
#
# COMPACT_ATOMS: atom_id res chain seq x y z
N GLY A 28 24.50 -17.27 -38.40
CA GLY A 28 24.40 -15.85 -37.98
C GLY A 28 23.08 -15.23 -38.41
N MET A 29 21.96 -15.86 -38.05
CA MET A 29 20.60 -15.38 -38.39
C MET A 29 20.19 -14.25 -37.44
N LEU A 30 20.56 -14.36 -36.16
CA LEU A 30 20.17 -13.36 -35.14
C LEU A 30 20.68 -11.97 -35.56
N GLN A 31 21.92 -11.88 -36.08
CA GLN A 31 22.53 -10.61 -36.59
C GLN A 31 21.63 -9.97 -37.66
N GLN A 32 20.82 -10.76 -38.38
CA GLN A 32 19.99 -10.27 -39.52
C GLN A 32 18.62 -9.78 -39.02
N ILE A 33 18.27 -9.95 -37.73
CA ILE A 33 16.90 -9.56 -37.24
C ILE A 33 16.97 -8.11 -36.81
N ARG A 34 16.41 -7.20 -37.61
CA ARG A 34 16.44 -5.75 -37.33
C ARG A 34 15.28 -5.37 -36.41
N GLY A 35 14.20 -6.14 -36.50
CA GLY A 35 13.00 -6.00 -35.66
C GLY A 35 12.04 -7.13 -35.94
N PRO A 36 10.85 -7.11 -35.32
CA PRO A 36 9.94 -8.27 -35.40
C PRO A 36 9.60 -8.76 -36.81
N ALA A 37 9.41 -7.86 -37.77
CA ALA A 37 8.90 -8.26 -39.11
C ALA A 37 9.93 -9.12 -39.86
N ASP A 38 11.21 -9.10 -39.44
CA ASP A 38 12.26 -9.98 -40.02
C ASP A 38 12.04 -11.46 -39.67
N LEU A 39 11.17 -11.77 -38.71
CA LEU A 39 10.70 -13.16 -38.43
C LEU A 39 9.60 -13.59 -39.42
N GLN A 40 8.94 -12.65 -40.11
CA GLN A 40 7.61 -12.89 -40.72
C GLN A 40 7.67 -14.01 -41.77
N HIS A 41 8.76 -14.14 -42.52
CA HIS A 41 8.86 -15.09 -43.66
C HIS A 41 9.89 -16.19 -43.37
N LEU A 42 10.32 -16.34 -42.12
CA LEU A 42 11.23 -17.45 -41.72
C LEU A 42 10.47 -18.76 -41.78
N SER A 43 11.16 -19.82 -42.20
CA SER A 43 10.66 -21.22 -42.15
C SER A 43 10.63 -21.70 -40.70
N GLN A 44 9.93 -22.80 -40.43
CA GLN A 44 9.95 -23.41 -39.09
C GLN A 44 11.39 -23.84 -38.76
N ALA A 45 12.15 -24.36 -39.73
CA ALA A 45 13.55 -24.77 -39.52
C ALA A 45 14.39 -23.54 -39.14
N GLN A 46 14.16 -22.41 -39.81
CA GLN A 46 14.88 -21.14 -39.51
C GLN A 46 14.54 -20.71 -38.07
N LEU A 47 13.29 -20.84 -37.67
CA LEU A 47 12.85 -20.43 -36.30
C LEU A 47 13.53 -21.34 -35.26
N ARG A 48 13.67 -22.64 -35.55
CA ARG A 48 14.40 -23.61 -34.68
C ARG A 48 15.85 -23.15 -34.54
N GLU A 49 16.50 -22.83 -35.66
CA GLU A 49 17.92 -22.41 -35.66
C GLU A 49 18.06 -21.08 -34.88
N LEU A 50 17.13 -20.15 -35.10
CA LEU A 50 17.18 -18.82 -34.45
C LEU A 50 16.99 -19.00 -32.93
N ALA A 51 16.05 -19.84 -32.50
CA ALA A 51 15.86 -20.13 -31.06
C ALA A 51 17.17 -20.64 -30.44
N ALA A 52 17.89 -21.54 -31.12
CA ALA A 52 19.19 -22.07 -30.61
C ALA A 52 20.22 -20.94 -30.52
N GLU A 53 20.30 -20.06 -31.53
CA GLU A 53 21.24 -18.90 -31.49
C GLU A 53 20.89 -17.99 -30.30
N ILE A 54 19.61 -17.74 -30.10
CA ILE A 54 19.11 -16.88 -28.98
C ILE A 54 19.54 -17.49 -27.65
N ARG A 55 19.42 -18.81 -27.48
CA ARG A 55 19.81 -19.47 -26.21
C ARG A 55 21.31 -19.34 -25.98
N GLU A 56 22.15 -19.55 -27.00
CA GLU A 56 23.63 -19.46 -26.82
C GLU A 56 23.97 -17.99 -26.55
N PHE A 57 23.29 -17.06 -27.22
CA PHE A 57 23.49 -15.61 -26.96
C PHE A 57 23.19 -15.32 -25.48
N LEU A 58 22.01 -15.75 -24.98
CA LEU A 58 21.61 -15.50 -23.56
C LEU A 58 22.65 -16.10 -22.60
N ILE A 59 23.01 -17.37 -22.81
CA ILE A 59 23.96 -18.10 -21.92
C ILE A 59 25.28 -17.31 -21.86
N HIS A 60 25.81 -16.90 -23.01
CA HIS A 60 27.10 -16.16 -23.16
C HIS A 60 27.01 -14.76 -22.52
N LYS A 61 25.92 -14.01 -22.73
CA LYS A 61 25.85 -12.56 -22.40
C LYS A 61 25.32 -12.32 -20.98
N VAL A 62 24.49 -13.21 -20.44
CA VAL A 62 23.77 -12.96 -19.16
C VAL A 62 24.60 -13.55 -18.00
N ALA A 63 24.72 -12.78 -16.92
CA ALA A 63 25.40 -13.14 -15.66
C ALA A 63 24.67 -14.34 -15.03
N ALA A 64 25.43 -15.31 -14.48
CA ALA A 64 24.93 -16.61 -13.94
C ALA A 64 23.99 -16.36 -12.75
N THR A 65 24.37 -15.46 -11.85
CA THR A 65 23.61 -15.07 -10.63
C THR A 65 22.97 -13.69 -10.83
N GLY A 66 21.67 -13.56 -10.54
CA GLY A 66 20.93 -12.28 -10.49
C GLY A 66 20.71 -11.64 -11.86
N GLY A 67 20.86 -12.42 -12.94
CA GLY A 67 20.71 -11.95 -14.33
C GLY A 67 19.42 -12.46 -14.98
N HIS A 68 18.65 -13.32 -14.30
CA HIS A 68 17.35 -13.84 -14.80
C HIS A 68 17.57 -14.64 -16.09
N LEU A 69 18.69 -15.36 -16.21
CA LEU A 69 18.90 -16.27 -17.36
C LEU A 69 17.72 -17.26 -17.49
N GLY A 70 17.35 -17.97 -16.42
CA GLY A 70 16.33 -19.04 -16.45
C GLY A 70 15.00 -18.57 -17.03
N PRO A 71 14.41 -17.48 -16.48
CA PRO A 71 13.12 -16.99 -16.99
C PRO A 71 13.13 -16.58 -18.47
N ASN A 72 14.29 -16.13 -18.98
CA ASN A 72 14.48 -15.69 -20.38
C ASN A 72 14.62 -16.93 -21.28
N LEU A 73 15.38 -17.93 -20.86
CA LEU A 73 15.50 -19.18 -21.64
C LEU A 73 14.13 -19.84 -21.79
N GLY A 74 13.27 -19.72 -20.78
CA GLY A 74 11.92 -20.31 -20.79
C GLY A 74 11.00 -19.66 -21.81
N VAL A 75 11.25 -18.43 -22.24
CA VAL A 75 10.30 -17.68 -23.13
C VAL A 75 10.88 -17.47 -24.53
N VAL A 76 11.89 -18.22 -24.95
CA VAL A 76 12.47 -18.06 -26.32
C VAL A 76 11.37 -18.31 -27.37
N GLU A 77 10.75 -19.49 -27.39
CA GLU A 77 9.73 -19.84 -28.40
C GLU A 77 8.49 -18.96 -28.20
N LEU A 78 8.12 -18.71 -26.95
CA LEU A 78 6.94 -17.86 -26.66
C LEU A 78 7.17 -16.47 -27.24
N THR A 79 8.36 -15.90 -27.07
CA THR A 79 8.64 -14.51 -27.51
C THR A 79 8.70 -14.49 -29.05
N LEU A 80 9.31 -15.49 -29.68
CA LEU A 80 9.28 -15.60 -31.16
C LEU A 80 7.82 -15.64 -31.64
N ALA A 81 6.98 -16.46 -31.02
CA ALA A 81 5.56 -16.64 -31.42
C ALA A 81 4.80 -15.31 -31.25
N LEU A 82 5.03 -14.58 -30.16
CA LEU A 82 4.35 -13.30 -29.90
C LEU A 82 4.66 -12.33 -31.05
N HIS A 83 5.90 -12.28 -31.50
CA HIS A 83 6.35 -11.30 -32.52
C HIS A 83 6.08 -11.84 -33.93
N ARG A 84 5.66 -13.10 -34.07
CA ARG A 84 5.15 -13.68 -35.34
C ARG A 84 3.64 -13.43 -35.48
N VAL A 85 2.92 -13.15 -34.40
CA VAL A 85 1.43 -13.09 -34.44
C VAL A 85 0.95 -11.65 -34.22
N PHE A 86 1.61 -10.90 -33.34
CA PHE A 86 1.19 -9.54 -32.94
C PHE A 86 2.11 -8.52 -33.63
N ASP A 87 1.56 -7.34 -33.89
CA ASP A 87 2.26 -6.22 -34.58
C ASP A 87 2.57 -5.15 -33.55
N SER A 88 3.65 -5.37 -32.78
CA SER A 88 4.15 -4.39 -31.80
C SER A 88 4.64 -3.15 -32.53
N PRO A 89 4.39 -1.92 -32.02
CA PRO A 89 3.63 -1.68 -30.79
C PRO A 89 2.13 -1.39 -30.97
N HIS A 90 1.60 -1.50 -32.19
CA HIS A 90 0.15 -1.36 -32.48
C HIS A 90 -0.61 -2.34 -31.59
N ASP A 91 -0.11 -3.57 -31.54
CA ASP A 91 -0.47 -4.57 -30.48
C ASP A 91 0.57 -4.47 -29.37
N PRO A 92 0.29 -3.76 -28.27
CA PRO A 92 1.23 -3.68 -27.15
C PRO A 92 1.50 -5.07 -26.60
N ILE A 93 2.78 -5.40 -26.39
CA ILE A 93 3.17 -6.65 -25.68
C ILE A 93 3.77 -6.21 -24.34
N ILE A 94 3.00 -6.40 -23.27
CA ILE A 94 3.35 -5.94 -21.90
C ILE A 94 3.77 -7.17 -21.10
N PHE A 95 5.04 -7.19 -20.68
CA PHE A 95 5.62 -8.26 -19.84
C PHE A 95 5.32 -7.94 -18.38
N ASP A 96 4.66 -8.86 -17.71
CA ASP A 96 4.46 -8.75 -16.25
C ASP A 96 5.83 -8.96 -15.61
N THR A 97 6.23 -8.03 -14.73
CA THR A 97 7.51 -8.05 -13.97
C THR A 97 8.65 -7.59 -14.89
N GLY A 98 8.75 -8.14 -16.10
CA GLY A 98 9.62 -7.62 -17.16
C GLY A 98 11.06 -8.08 -17.04
N HIS A 99 11.36 -9.00 -16.13
CA HIS A 99 12.70 -9.63 -16.00
C HIS A 99 12.96 -10.63 -17.13
N GLN A 100 11.90 -11.04 -17.85
CA GLN A 100 11.88 -12.10 -18.90
C GLN A 100 11.70 -11.46 -20.28
N ALA A 101 12.04 -10.19 -20.44
CA ALA A 101 11.90 -9.44 -21.71
C ALA A 101 13.22 -9.41 -22.51
N TYR A 102 14.24 -10.22 -22.19
CA TYR A 102 15.53 -10.11 -22.94
C TYR A 102 15.33 -10.54 -24.40
N VAL A 103 14.55 -11.58 -24.66
CA VAL A 103 14.36 -12.05 -26.05
C VAL A 103 13.59 -10.98 -26.81
N HIS A 104 12.60 -10.38 -26.16
CA HIS A 104 11.84 -9.22 -26.70
C HIS A 104 12.82 -8.13 -27.15
N LYS A 105 13.81 -7.78 -26.31
CA LYS A 105 14.78 -6.72 -26.64
C LYS A 105 15.66 -7.18 -27.80
N MET A 106 16.07 -8.44 -27.81
CA MET A 106 16.91 -8.98 -28.92
C MET A 106 16.13 -8.92 -30.24
N LEU A 107 14.79 -9.05 -30.22
CA LEU A 107 13.96 -9.03 -31.46
C LEU A 107 13.46 -7.61 -31.78
N THR A 108 13.85 -6.60 -30.99
CA THR A 108 13.45 -5.18 -31.21
C THR A 108 14.70 -4.32 -31.22
N GLY A 109 15.74 -4.78 -31.93
CA GLY A 109 16.89 -3.97 -32.38
C GLY A 109 17.92 -3.74 -31.29
N ARG A 110 17.94 -4.53 -30.21
CA ARG A 110 18.86 -4.25 -29.08
C ARG A 110 19.80 -5.44 -28.76
N SER A 111 19.93 -6.41 -29.66
CA SER A 111 20.82 -7.57 -29.42
C SER A 111 22.26 -7.05 -29.28
N GLN A 112 22.65 -5.99 -29.99
CA GLN A 112 24.05 -5.48 -29.95
C GLN A 112 24.33 -4.77 -28.62
N ASP A 113 23.32 -4.47 -27.81
CA ASP A 113 23.46 -3.66 -26.56
C ASP A 113 23.71 -4.54 -25.33
N PHE A 114 23.77 -5.86 -25.45
CA PHE A 114 23.81 -6.78 -24.28
C PHE A 114 25.19 -6.76 -23.62
N ALA A 115 26.23 -6.26 -24.29
CA ALA A 115 27.55 -6.09 -23.65
C ALA A 115 27.41 -5.17 -22.42
N THR A 116 26.41 -4.29 -22.40
CA THR A 116 26.20 -3.25 -21.35
C THR A 116 25.02 -3.60 -20.42
N LEU A 117 24.49 -4.82 -20.51
CA LEU A 117 23.28 -5.26 -19.75
C LEU A 117 23.48 -4.95 -18.27
N ARG A 118 22.57 -4.15 -17.70
CA ARG A 118 22.49 -3.86 -16.23
C ARG A 118 23.74 -3.10 -15.75
N LYS A 119 24.50 -2.49 -16.67
CA LYS A 119 25.64 -1.60 -16.35
C LYS A 119 25.16 -0.15 -16.42
N LYS A 120 25.75 0.74 -15.60
CA LYS A 120 25.42 2.18 -15.65
C LYS A 120 25.50 2.68 -17.09
N GLY A 121 24.47 3.39 -17.54
CA GLY A 121 24.35 3.97 -18.90
C GLY A 121 24.10 2.90 -19.96
N GLY A 122 23.92 1.65 -19.56
CA GLY A 122 23.77 0.50 -20.47
C GLY A 122 22.32 0.02 -20.56
N LEU A 123 22.12 -1.13 -21.20
CA LEU A 123 20.79 -1.74 -21.36
C LEU A 123 20.18 -2.03 -19.98
N SER A 124 18.92 -1.64 -19.79
CA SER A 124 18.17 -1.93 -18.54
C SER A 124 17.88 -3.44 -18.46
N GLY A 125 17.89 -4.00 -17.26
CA GLY A 125 17.40 -5.38 -17.02
C GLY A 125 15.89 -5.50 -17.21
N TYR A 126 15.19 -4.37 -17.41
CA TYR A 126 13.72 -4.30 -17.57
C TYR A 126 13.37 -3.49 -18.81
N PRO A 127 12.12 -3.65 -19.34
CA PRO A 127 11.66 -2.83 -20.45
C PRO A 127 11.83 -1.36 -20.08
N SER A 128 12.16 -0.54 -21.07
CA SER A 128 12.47 0.90 -20.90
C SER A 128 11.83 1.68 -22.05
N ARG A 129 10.93 2.60 -21.72
CA ARG A 129 10.19 3.39 -22.70
C ARG A 129 11.19 4.25 -23.47
N ALA A 130 12.29 4.66 -22.83
CA ALA A 130 13.34 5.51 -23.45
C ALA A 130 14.19 4.70 -24.44
N GLU A 131 14.27 3.38 -24.26
CA GLU A 131 15.04 2.48 -25.18
C GLU A 131 14.23 2.15 -26.43
N SER A 132 12.91 1.98 -26.36
CA SER A 132 12.15 1.36 -27.47
C SER A 132 10.66 1.69 -27.41
N GLU A 133 10.10 1.98 -28.58
CA GLU A 133 8.64 2.15 -28.79
C GLU A 133 7.91 0.83 -28.47
N HIS A 134 8.63 -0.29 -28.40
CA HIS A 134 8.08 -1.66 -28.12
C HIS A 134 7.95 -1.91 -26.61
N ASP A 135 8.42 -0.98 -25.77
CA ASP A 135 8.50 -1.14 -24.29
C ASP A 135 7.48 -0.19 -23.67
N TRP A 136 6.69 -0.69 -22.72
CA TRP A 136 5.58 0.07 -22.10
C TRP A 136 5.82 0.30 -20.62
N VAL A 137 6.15 -0.76 -19.88
CA VAL A 137 6.13 -0.78 -18.39
C VAL A 137 7.54 -1.08 -17.87
N GLU A 138 8.09 -0.18 -17.04
CA GLU A 138 9.46 -0.28 -16.48
C GLU A 138 9.44 -0.87 -15.07
N SER A 139 8.28 -0.99 -14.45
CA SER A 139 8.17 -1.47 -13.06
C SER A 139 8.47 -2.98 -13.01
N SER A 140 9.37 -3.39 -12.10
CA SER A 140 9.65 -4.82 -11.80
C SER A 140 8.59 -5.40 -10.84
N HIS A 141 7.68 -4.59 -10.30
CA HIS A 141 6.69 -5.10 -9.31
C HIS A 141 5.63 -5.94 -10.03
N ALA A 142 5.54 -7.22 -9.65
CA ALA A 142 4.76 -8.25 -10.38
C ALA A 142 3.26 -7.98 -10.29
N SER A 143 2.51 -8.56 -11.24
CA SER A 143 1.04 -8.76 -11.22
C SER A 143 0.30 -7.52 -11.74
N ALA A 144 1.01 -6.53 -12.29
CA ALA A 144 0.44 -5.23 -12.71
C ALA A 144 0.11 -5.21 -14.20
N ALA A 145 0.64 -6.14 -15.01
CA ALA A 145 0.54 -6.06 -16.49
C ALA A 145 -0.93 -5.99 -16.93
N LEU A 146 -1.79 -6.84 -16.36
CA LEU A 146 -3.23 -6.94 -16.75
C LEU A 146 -3.95 -5.62 -16.41
N SER A 147 -3.54 -4.93 -15.35
CA SER A 147 -4.16 -3.62 -14.96
C SER A 147 -3.78 -2.56 -15.99
N TYR A 148 -2.52 -2.52 -16.42
CA TYR A 148 -2.08 -1.61 -17.48
C TYR A 148 -2.85 -1.96 -18.75
N ALA A 149 -3.01 -3.25 -19.02
CA ALA A 149 -3.64 -3.72 -20.28
C ALA A 149 -5.08 -3.22 -20.34
N ASP A 150 -5.82 -3.33 -19.22
CA ASP A 150 -7.23 -2.88 -19.15
C ASP A 150 -7.28 -1.38 -19.43
N GLY A 151 -6.42 -0.60 -18.78
CA GLY A 151 -6.37 0.86 -18.97
C GLY A 151 -6.01 1.23 -20.39
N LEU A 152 -5.00 0.56 -20.97
CA LEU A 152 -4.56 0.86 -22.36
C LEU A 152 -5.69 0.53 -23.33
N ALA A 153 -6.34 -0.63 -23.18
CA ALA A 153 -7.47 -1.08 -24.04
C ALA A 153 -8.61 -0.05 -23.96
N LYS A 154 -8.93 0.42 -22.74
CA LYS A 154 -9.95 1.49 -22.54
C LYS A 154 -9.53 2.75 -23.31
N ALA A 155 -8.25 3.13 -23.23
CA ALA A 155 -7.73 4.35 -23.89
C ALA A 155 -7.90 4.23 -25.40
N PHE A 156 -7.55 3.08 -25.97
CA PHE A 156 -7.64 2.86 -27.44
C PHE A 156 -9.10 3.02 -27.89
N GLU A 157 -10.04 2.48 -27.13
CA GLU A 157 -11.48 2.64 -27.43
C GLU A 157 -11.88 4.12 -27.33
N LEU A 158 -11.47 4.82 -26.26
CA LEU A 158 -11.87 6.24 -26.06
C LEU A 158 -11.28 7.14 -27.15
N THR A 159 -10.11 6.79 -27.69
CA THR A 159 -9.39 7.60 -28.73
C THR A 159 -9.66 7.05 -30.14
N GLY A 160 -10.45 5.99 -30.27
CA GLY A 160 -10.86 5.41 -31.57
C GLY A 160 -9.71 4.83 -32.37
N HIS A 161 -8.67 4.31 -31.72
CA HIS A 161 -7.62 3.52 -32.42
C HIS A 161 -8.23 2.17 -32.79
N ARG A 162 -8.14 1.78 -34.06
CA ARG A 162 -8.71 0.53 -34.58
C ARG A 162 -7.75 -0.65 -34.29
N ASN A 163 -8.28 -1.77 -33.81
CA ASN A 163 -7.67 -3.13 -33.94
C ASN A 163 -6.32 -3.22 -33.21
N ARG A 164 -6.21 -2.57 -32.05
CA ARG A 164 -5.02 -2.68 -31.17
C ARG A 164 -5.30 -3.80 -30.15
N HIS A 165 -4.56 -4.90 -30.25
CA HIS A 165 -4.72 -6.07 -29.36
C HIS A 165 -3.68 -5.91 -28.23
N VAL A 166 -4.13 -5.73 -26.99
CA VAL A 166 -3.19 -5.58 -25.85
C VAL A 166 -2.88 -6.98 -25.31
N VAL A 167 -1.61 -7.35 -25.32
CA VAL A 167 -1.14 -8.70 -24.93
C VAL A 167 -0.39 -8.54 -23.60
N ALA A 168 -0.86 -9.21 -22.55
CA ALA A 168 -0.17 -9.26 -21.24
C ALA A 168 0.46 -10.63 -21.09
N VAL A 169 1.78 -10.66 -20.92
CA VAL A 169 2.53 -11.92 -20.65
C VAL A 169 2.70 -12.00 -19.14
N VAL A 170 1.92 -12.89 -18.52
CA VAL A 170 1.77 -13.00 -17.04
C VAL A 170 2.29 -14.36 -16.61
N GLY A 171 3.40 -14.36 -15.88
CA GLY A 171 3.91 -15.58 -15.23
C GLY A 171 2.90 -16.20 -14.28
N ASP A 172 2.98 -17.51 -14.10
CA ASP A 172 2.16 -18.24 -13.11
C ASP A 172 2.34 -17.60 -11.73
N GLY A 173 3.58 -17.23 -11.36
CA GLY A 173 3.88 -16.53 -10.11
C GLY A 173 3.12 -15.21 -10.03
N ALA A 174 3.24 -14.37 -11.05
CA ALA A 174 2.54 -13.07 -11.10
C ALA A 174 1.04 -13.31 -10.94
N LEU A 175 0.52 -14.41 -11.50
CA LEU A 175 -0.93 -14.70 -11.53
C LEU A 175 -1.45 -15.04 -10.12
N THR A 176 -0.60 -15.29 -9.13
CA THR A 176 -1.01 -15.51 -7.71
C THR A 176 -1.25 -14.17 -7.00
N GLY A 177 -0.99 -13.05 -7.65
CA GLY A 177 -1.17 -11.68 -7.10
C GLY A 177 -2.60 -11.21 -7.27
N GLY A 178 -3.13 -10.53 -6.26
CA GLY A 178 -4.50 -9.98 -6.24
C GLY A 178 -4.77 -9.02 -7.38
N MET A 179 -3.78 -8.25 -7.84
CA MET A 179 -4.01 -7.29 -8.95
C MET A 179 -4.53 -8.04 -10.18
N CYS A 180 -4.09 -9.28 -10.42
CA CYS A 180 -4.56 -10.06 -11.61
C CYS A 180 -6.07 -10.32 -11.50
N TRP A 181 -6.57 -10.59 -10.29
CA TRP A 181 -8.00 -10.92 -10.09
C TRP A 181 -8.83 -9.67 -10.36
N GLU A 182 -8.38 -8.54 -9.82
CA GLU A 182 -9.05 -7.23 -10.04
C GLU A 182 -9.08 -6.95 -11.54
N ALA A 183 -7.95 -7.08 -12.22
CA ALA A 183 -7.83 -6.77 -13.66
C ALA A 183 -8.71 -7.73 -14.48
N LEU A 184 -8.67 -9.05 -14.21
CA LEU A 184 -9.45 -10.05 -14.99
C LEU A 184 -10.95 -9.78 -14.82
N ASN A 185 -11.36 -9.42 -13.61
CA ASN A 185 -12.76 -9.03 -13.29
CA ASN A 185 -12.78 -9.06 -13.33
C ASN A 185 -13.18 -7.87 -14.22
N ASN A 186 -12.33 -6.85 -14.32
CA ASN A 186 -12.63 -5.67 -15.17
C ASN A 186 -12.60 -6.05 -16.66
N ILE A 187 -11.58 -6.78 -17.09
CA ILE A 187 -11.40 -7.17 -18.53
C ILE A 187 -12.59 -8.00 -18.98
N ALA A 188 -13.07 -8.90 -18.13
CA ALA A 188 -14.17 -9.84 -18.42
C ALA A 188 -15.48 -9.07 -18.68
N ALA A 189 -15.58 -7.82 -18.22
CA ALA A 189 -16.82 -7.02 -18.38
C ALA A 189 -16.94 -6.44 -19.80
N SER A 190 -15.92 -6.58 -20.64
CA SER A 190 -15.83 -5.88 -21.94
C SER A 190 -15.36 -6.82 -23.04
N ARG A 191 -15.74 -6.54 -24.29
CA ARG A 191 -15.23 -7.28 -25.47
C ARG A 191 -13.89 -6.69 -25.95
N ARG A 192 -13.42 -5.59 -25.32
CA ARG A 192 -12.13 -4.95 -25.68
C ARG A 192 -11.07 -6.04 -25.69
N PRO A 193 -10.29 -6.19 -26.79
CA PRO A 193 -9.40 -7.34 -26.94
C PRO A 193 -8.15 -7.21 -26.06
N VAL A 194 -8.19 -7.89 -24.91
CA VAL A 194 -6.97 -8.12 -24.09
C VAL A 194 -6.67 -9.61 -24.17
N ILE A 195 -5.44 -9.94 -24.53
CA ILE A 195 -5.00 -11.35 -24.61
C ILE A 195 -4.08 -11.61 -23.42
N ILE A 196 -4.54 -12.51 -22.54
CA ILE A 196 -3.87 -12.90 -21.27
C ILE A 196 -3.06 -14.15 -21.56
N VAL A 197 -1.76 -13.97 -21.78
CA VAL A 197 -0.82 -15.08 -22.07
C VAL A 197 -0.23 -15.49 -20.72
N VAL A 198 -0.68 -16.62 -20.19
CA VAL A 198 -0.13 -17.14 -18.93
C VAL A 198 1.12 -17.95 -19.28
N ASN A 199 2.26 -17.45 -18.84
CA ASN A 199 3.58 -18.11 -19.02
C ASN A 199 3.81 -18.99 -17.78
N ASP A 200 3.37 -20.23 -17.84
CA ASP A 200 3.27 -21.14 -16.66
C ASP A 200 4.49 -22.08 -16.65
N ASN A 201 5.45 -21.82 -15.77
CA ASN A 201 6.60 -22.75 -15.58
C ASN A 201 6.55 -23.34 -14.16
N GLY A 202 5.38 -23.28 -13.54
CA GLY A 202 5.14 -23.79 -12.18
C GLY A 202 4.73 -25.25 -12.21
N ARG A 203 4.11 -25.73 -13.29
CA ARG A 203 3.74 -27.16 -13.48
CA ARG A 203 3.74 -27.16 -13.49
C ARG A 203 4.74 -27.78 -14.46
N SER A 204 4.90 -29.12 -14.40
CA SER A 204 5.88 -29.89 -15.22
C SER A 204 5.61 -29.69 -16.72
N GLY A 222 6.45 -25.34 -8.47
CA GLY A 222 5.02 -25.32 -8.16
C GLY A 222 4.58 -23.97 -7.60
N GLY A 223 5.04 -22.87 -8.19
CA GLY A 223 4.85 -21.50 -7.67
C GLY A 223 3.69 -20.74 -8.32
N GLY A 224 2.80 -21.46 -9.01
CA GLY A 224 1.63 -20.89 -9.71
C GLY A 224 0.35 -21.02 -8.89
N PRO A 225 -0.80 -20.57 -9.43
CA PRO A 225 -2.06 -20.61 -8.66
C PRO A 225 -2.51 -22.05 -8.39
N GLN A 226 -3.05 -22.25 -7.18
CA GLN A 226 -3.83 -23.45 -6.81
C GLN A 226 -5.21 -23.40 -7.48
N LEU A 227 -5.79 -22.21 -7.68
CA LEU A 227 -7.15 -22.05 -8.25
C LEU A 227 -7.11 -22.33 -9.76
N LEU A 228 -8.19 -22.87 -10.29
CA LEU A 228 -8.35 -23.13 -11.75
C LEU A 228 -8.67 -21.79 -12.42
N PHE A 229 -8.14 -21.54 -13.60
CA PHE A 229 -8.48 -20.33 -14.41
C PHE A 229 -8.99 -20.77 -15.79
N THR A 230 -9.47 -22.01 -15.88
CA THR A 230 -10.07 -22.63 -17.09
C THR A 230 -11.54 -22.23 -17.22
N ASP A 231 -12.21 -21.82 -16.13
CA ASP A 231 -13.68 -21.67 -16.12
C ASP A 231 -14.09 -20.43 -15.32
N LEU A 232 -13.50 -19.29 -15.64
CA LEU A 232 -13.72 -18.00 -14.94
C LEU A 232 -14.78 -17.18 -15.67
N GLY A 233 -15.25 -17.65 -16.82
CA GLY A 233 -16.12 -16.86 -17.72
C GLY A 233 -15.32 -16.29 -18.88
N LEU A 234 -13.99 -16.47 -18.88
CA LEU A 234 -13.11 -16.03 -19.99
C LEU A 234 -12.77 -17.25 -20.84
N LYS A 235 -12.83 -17.09 -22.16
CA LYS A 235 -12.34 -18.08 -23.14
C LYS A 235 -10.95 -18.55 -22.72
N TYR A 236 -10.74 -19.85 -22.68
CA TYR A 236 -9.45 -20.48 -22.28
C TYR A 236 -8.93 -21.31 -23.43
N VAL A 237 -7.67 -21.09 -23.83
CA VAL A 237 -6.97 -21.88 -24.89
C VAL A 237 -5.75 -22.53 -24.25
N GLY A 238 -5.62 -23.85 -24.40
CA GLY A 238 -4.46 -24.61 -23.90
C GLY A 238 -4.86 -25.82 -23.07
N PRO A 239 -3.95 -26.40 -22.26
CA PRO A 239 -2.57 -25.90 -22.15
C PRO A 239 -1.72 -26.15 -23.41
N VAL A 240 -0.88 -25.18 -23.76
CA VAL A 240 0.00 -25.25 -24.96
C VAL A 240 1.43 -25.56 -24.54
N ASP A 241 2.10 -26.38 -25.33
CA ASP A 241 3.55 -26.66 -25.18
C ASP A 241 4.31 -25.39 -25.56
N GLY A 242 4.83 -24.67 -24.57
CA GLY A 242 5.49 -23.36 -24.73
C GLY A 242 6.83 -23.46 -25.43
N HIS A 243 7.34 -24.66 -25.69
CA HIS A 243 8.59 -24.83 -26.50
C HIS A 243 8.28 -25.41 -27.88
N ASP A 244 7.00 -25.53 -28.24
CA ASP A 244 6.53 -25.81 -29.63
C ASP A 244 6.11 -24.48 -30.23
N GLU A 245 7.04 -23.82 -30.91
CA GLU A 245 6.86 -22.44 -31.42
C GLU A 245 5.62 -22.41 -32.30
N ARG A 246 5.44 -23.41 -33.17
CA ARG A 246 4.28 -23.46 -34.10
C ARG A 246 2.98 -23.55 -33.29
N ALA A 247 2.91 -24.42 -32.30
CA ALA A 247 1.68 -24.64 -31.51
C ALA A 247 1.33 -23.36 -30.74
N VAL A 248 2.34 -22.62 -30.27
CA VAL A 248 2.09 -21.33 -29.56
C VAL A 248 1.53 -20.30 -30.54
N GLU A 249 2.07 -20.19 -31.75
CA GLU A 249 1.50 -19.29 -32.80
C GLU A 249 0.04 -19.65 -33.09
N VAL A 250 -0.27 -20.94 -33.27
CA VAL A 250 -1.67 -21.39 -33.56
C VAL A 250 -2.59 -20.86 -32.44
N ALA A 251 -2.20 -21.05 -31.18
CA ALA A 251 -3.03 -20.64 -30.02
C ALA A 251 -3.16 -19.11 -30.01
N LEU A 252 -2.07 -18.37 -30.20
CA LEU A 252 -2.09 -16.88 -30.17
C LEU A 252 -2.96 -16.36 -31.32
N ARG A 253 -2.88 -16.96 -32.51
CA ARG A 253 -3.73 -16.54 -33.67
C ARG A 253 -5.21 -16.76 -33.33
N SER A 254 -5.56 -17.89 -32.70
CA SER A 254 -6.94 -18.19 -32.20
C SER A 254 -7.38 -17.07 -31.26
N ALA A 255 -6.50 -16.63 -30.35
CA ALA A 255 -6.83 -15.56 -29.38
C ALA A 255 -7.02 -14.24 -30.15
N ARG A 256 -6.12 -13.90 -31.07
CA ARG A 256 -6.11 -12.60 -31.78
C ARG A 256 -7.43 -12.40 -32.54
N ARG A 257 -7.99 -13.46 -33.13
CA ARG A 257 -9.16 -13.35 -34.03
C ARG A 257 -10.46 -13.56 -33.24
N PHE A 258 -10.38 -13.86 -31.93
CA PHE A 258 -11.57 -14.24 -31.11
C PHE A 258 -12.57 -13.07 -31.01
N GLY A 259 -12.12 -11.81 -30.95
CA GLY A 259 -13.00 -10.63 -30.86
C GLY A 259 -13.49 -10.39 -29.43
N ALA A 260 -12.74 -10.88 -28.45
CA ALA A 260 -12.99 -10.67 -27.01
C ALA A 260 -11.75 -11.09 -26.24
N PRO A 261 -11.67 -10.74 -24.95
CA PRO A 261 -10.56 -11.22 -24.11
C PRO A 261 -10.46 -12.76 -24.14
N VAL A 262 -9.23 -13.26 -24.11
CA VAL A 262 -8.91 -14.72 -24.15
C VAL A 262 -7.70 -14.99 -23.27
N ILE A 263 -7.75 -16.07 -22.50
CA ILE A 263 -6.58 -16.60 -21.77
C ILE A 263 -5.92 -17.63 -22.67
N VAL A 264 -4.62 -17.45 -22.94
CA VAL A 264 -3.80 -18.48 -23.61
C VAL A 264 -2.81 -19.02 -22.59
N HIS A 265 -2.96 -20.28 -22.23
CA HIS A 265 -2.17 -20.95 -21.17
C HIS A 265 -1.03 -21.71 -21.83
N VAL A 266 0.19 -21.22 -21.65
CA VAL A 266 1.40 -21.78 -22.29
C VAL A 266 2.26 -22.35 -21.17
N VAL A 267 2.75 -23.57 -21.32
CA VAL A 267 3.58 -24.23 -20.28
C VAL A 267 5.02 -24.20 -20.77
N THR A 268 5.90 -23.59 -19.98
CA THR A 268 7.33 -23.46 -20.32
C THR A 268 8.17 -24.10 -19.22
N ARG A 269 9.42 -24.36 -19.57
CA ARG A 269 10.43 -24.89 -18.62
CA ARG A 269 10.45 -24.92 -18.66
C ARG A 269 11.43 -23.78 -18.34
N LYS A 270 11.48 -23.34 -17.08
CA LYS A 270 12.45 -22.31 -16.66
C LYS A 270 13.86 -22.87 -16.93
N GLY A 271 14.72 -22.07 -17.54
CA GLY A 271 16.09 -22.48 -17.87
C GLY A 271 16.18 -23.43 -19.06
N MET A 272 15.10 -23.62 -19.82
CA MET A 272 15.06 -24.56 -20.98
C MET A 272 16.33 -24.42 -21.80
N GLY A 273 17.07 -25.52 -21.92
CA GLY A 273 18.31 -25.62 -22.72
C GLY A 273 19.57 -25.26 -21.96
N TYR A 274 19.51 -24.96 -20.65
CA TYR A 274 20.69 -24.70 -19.79
C TYR A 274 20.52 -25.45 -18.47
N PRO A 275 21.08 -26.68 -18.36
CA PRO A 275 20.84 -27.54 -17.19
C PRO A 275 21.03 -26.84 -15.85
N PRO A 276 22.08 -26.01 -15.62
CA PRO A 276 22.23 -25.35 -14.33
C PRO A 276 21.03 -24.46 -13.93
N ALA A 277 20.31 -23.89 -14.90
CA ALA A 277 19.16 -23.00 -14.63
C ALA A 277 17.85 -23.80 -14.54
N GLU A 278 17.83 -25.08 -14.89
CA GLU A 278 16.60 -25.91 -14.96
C GLU A 278 16.28 -26.53 -13.58
N PRO A 304 23.49 -14.16 0.12
CA PRO A 304 24.69 -13.45 0.63
C PRO A 304 24.71 -13.38 2.17
N GLY A 305 25.74 -12.71 2.71
CA GLY A 305 26.12 -12.70 4.14
C GLY A 305 25.05 -12.10 5.05
N TRP A 306 24.52 -10.92 4.75
CA TRP A 306 23.41 -10.33 5.58
C TRP A 306 22.27 -11.34 5.68
N THR A 307 21.81 -11.85 4.55
CA THR A 307 20.67 -12.80 4.49
C THR A 307 21.03 -14.05 5.30
N ALA A 308 22.23 -14.59 5.17
CA ALA A 308 22.65 -15.82 5.87
C ALA A 308 22.62 -15.58 7.39
N THR A 309 23.00 -14.38 7.83
CA THR A 309 23.01 -13.95 9.26
C THR A 309 21.56 -13.98 9.76
N PHE A 310 20.64 -13.37 9.01
CA PHE A 310 19.20 -13.40 9.33
C PHE A 310 18.71 -14.86 9.46
N SER A 311 18.98 -15.69 8.45
CA SER A 311 18.55 -17.10 8.37
C SER A 311 18.99 -17.87 9.63
N ASP A 312 20.27 -17.76 9.97
CA ASP A 312 20.88 -18.47 11.14
C ASP A 312 20.23 -17.98 12.45
N ALA A 313 20.13 -16.66 12.62
CA ALA A 313 19.56 -16.02 13.83
C ALA A 313 18.11 -16.49 14.04
N LEU A 314 17.30 -16.47 12.98
CA LEU A 314 15.85 -16.84 13.07
C LEU A 314 15.73 -18.30 13.48
N ILE A 315 16.50 -19.19 12.85
CA ILE A 315 16.47 -20.64 13.19
C ILE A 315 16.82 -20.81 14.67
N GLY A 316 17.83 -20.08 15.16
CA GLY A 316 18.29 -20.12 16.57
C GLY A 316 17.19 -19.74 17.56
N TYR A 317 16.42 -18.69 17.26
CA TYR A 317 15.30 -18.23 18.14
C TYR A 317 14.14 -19.22 18.07
N ALA A 318 13.82 -19.70 16.87
CA ALA A 318 12.68 -20.60 16.59
C ALA A 318 12.95 -21.99 17.19
N GLN A 319 14.22 -22.38 17.40
CA GLN A 319 14.59 -23.64 18.10
CA GLN A 319 14.50 -23.68 18.05
C GLN A 319 13.93 -23.68 19.48
N LYS A 320 13.94 -22.52 20.16
CA LYS A 320 13.54 -22.37 21.59
C LYS A 320 12.08 -21.92 21.72
N ARG A 321 11.50 -21.35 20.68
CA ARG A 321 10.14 -20.77 20.71
C ARG A 321 9.31 -21.35 19.59
N ARG A 322 8.36 -22.23 19.91
CA ARG A 322 7.52 -22.94 18.90
C ARG A 322 6.46 -22.00 18.32
N ASP A 323 6.29 -20.79 18.89
CA ASP A 323 5.27 -19.80 18.44
C ASP A 323 5.79 -18.94 17.28
N ILE A 324 7.09 -19.03 16.94
CA ILE A 324 7.66 -18.29 15.78
C ILE A 324 7.28 -19.03 14.50
N VAL A 325 6.70 -18.31 13.54
CA VAL A 325 6.33 -18.81 12.18
CA VAL A 325 6.40 -18.84 12.18
C VAL A 325 6.94 -17.84 11.17
N ALA A 326 7.26 -18.31 9.98
CA ALA A 326 7.93 -17.48 8.95
C ALA A 326 7.02 -17.47 7.73
N ILE A 327 6.95 -16.34 7.06
CA ILE A 327 6.08 -16.14 5.87
C ILE A 327 6.92 -15.44 4.81
N THR A 328 6.83 -15.93 3.58
CA THR A 328 7.48 -15.33 2.40
C THR A 328 6.41 -15.16 1.33
N ALA A 329 6.51 -14.08 0.56
CA ALA A 329 5.74 -13.94 -0.69
C ALA A 329 6.60 -14.47 -1.84
N ALA A 330 6.63 -15.80 -1.99
CA ALA A 330 7.20 -16.54 -3.14
C ALA A 330 8.72 -16.38 -3.23
N MET A 331 9.43 -16.10 -2.13
CA MET A 331 10.91 -15.95 -2.19
C MET A 331 11.57 -16.64 -1.00
N PRO A 332 11.26 -17.93 -0.73
CA PRO A 332 11.85 -18.62 0.42
C PRO A 332 13.38 -18.70 0.35
N GLY A 333 13.95 -18.97 -0.85
CA GLY A 333 15.41 -19.02 -1.04
C GLY A 333 16.06 -17.67 -0.78
N PRO A 334 15.73 -16.64 -1.58
CA PRO A 334 16.37 -15.32 -1.47
C PRO A 334 16.25 -14.62 -0.10
N THR A 335 15.19 -14.88 0.67
CA THR A 335 14.94 -14.25 1.99
C THR A 335 15.64 -15.04 3.10
N GLY A 336 16.24 -16.18 2.75
CA GLY A 336 16.94 -17.09 3.69
C GLY A 336 15.97 -17.92 4.53
N LEU A 337 14.73 -18.13 4.09
CA LEU A 337 13.75 -18.94 4.86
C LEU A 337 13.78 -20.42 4.44
N THR A 338 14.44 -20.76 3.33
CA THR A 338 14.49 -22.18 2.89
C THR A 338 15.03 -23.04 4.05
N ALA A 339 16.10 -22.59 4.69
CA ALA A 339 16.80 -23.36 5.75
C ALA A 339 15.86 -23.46 6.96
N PHE A 340 15.06 -22.42 7.22
CA PHE A 340 14.05 -22.39 8.31
C PHE A 340 13.00 -23.48 8.05
N GLY A 341 12.46 -23.53 6.83
CA GLY A 341 11.48 -24.55 6.44
C GLY A 341 12.05 -25.96 6.61
N GLN A 342 13.33 -26.18 6.27
CA GLN A 342 13.91 -27.54 6.38
C GLN A 342 13.91 -28.00 7.84
N ARG A 343 14.18 -27.11 8.79
CA ARG A 343 14.17 -27.39 10.25
C ARG A 343 12.73 -27.47 10.77
N PHE A 344 11.85 -26.59 10.29
CA PHE A 344 10.49 -26.38 10.84
C PHE A 344 9.49 -26.32 9.70
N PRO A 345 9.26 -27.43 8.96
CA PRO A 345 8.50 -27.38 7.71
C PRO A 345 7.04 -26.96 7.88
N ASP A 346 6.47 -27.19 9.07
CA ASP A 346 5.06 -26.82 9.38
C ASP A 346 4.98 -25.32 9.70
N ARG A 347 6.10 -24.62 9.85
CA ARG A 347 6.12 -23.22 10.35
C ARG A 347 6.58 -22.24 9.28
N LEU A 348 6.78 -22.70 8.04
CA LEU A 348 7.11 -21.81 6.90
C LEU A 348 5.92 -21.79 5.95
N PHE A 349 5.38 -20.61 5.69
CA PHE A 349 4.30 -20.42 4.70
C PHE A 349 4.85 -19.60 3.53
N ASP A 350 4.64 -20.11 2.33
CA ASP A 350 4.91 -19.40 1.06
C ASP A 350 3.53 -19.06 0.46
N VAL A 351 3.17 -17.78 0.44
CA VAL A 351 1.79 -17.38 0.05
C VAL A 351 1.69 -17.00 -1.42
N GLY A 352 2.72 -17.26 -2.22
CA GLY A 352 2.73 -16.80 -3.62
C GLY A 352 3.19 -15.35 -3.68
N ILE A 353 3.00 -14.66 -4.80
CA ILE A 353 3.42 -13.23 -4.95
C ILE A 353 2.28 -12.38 -4.41
N ALA A 354 2.14 -12.36 -3.09
CA ALA A 354 0.90 -11.96 -2.39
C ALA A 354 1.29 -11.27 -1.10
N GLU A 355 2.07 -10.19 -1.19
CA GLU A 355 2.55 -9.40 -0.03
C GLU A 355 1.37 -8.98 0.84
N GLN A 356 0.22 -8.64 0.26
CA GLN A 356 -1.00 -8.23 1.02
CA GLN A 356 -0.97 -8.22 1.05
C GLN A 356 -1.44 -9.41 1.89
N HIS A 357 -1.64 -10.57 1.27
CA HIS A 357 -2.06 -11.80 2.00
C HIS A 357 -1.00 -12.18 3.05
N ALA A 358 0.28 -12.04 2.72
CA ALA A 358 1.39 -12.38 3.67
C ALA A 358 1.13 -11.62 4.98
N MET A 359 0.84 -10.32 4.90
CA MET A 359 0.74 -9.46 6.09
C MET A 359 -0.59 -9.73 6.81
N THR A 360 -1.70 -9.90 6.11
CA THR A 360 -3.03 -10.07 6.78
C THR A 360 -3.17 -11.50 7.31
N SER A 361 -2.59 -12.49 6.62
CA SER A 361 -2.54 -13.87 7.17
C SER A 361 -1.63 -13.89 8.40
N ALA A 362 -0.57 -13.09 8.41
CA ALA A 362 0.28 -12.88 9.59
C ALA A 362 -0.59 -12.33 10.73
N ALA A 363 -1.45 -11.35 10.45
CA ALA A 363 -2.37 -10.80 11.48
C ALA A 363 -3.23 -11.96 12.01
N GLY A 364 -3.78 -12.80 11.12
CA GLY A 364 -4.61 -13.95 11.55
C GLY A 364 -3.82 -14.93 12.43
N LEU A 365 -2.60 -15.27 12.03
CA LEU A 365 -1.70 -16.13 12.86
C LEU A 365 -1.49 -15.50 14.23
N ALA A 366 -1.22 -14.19 14.32
CA ALA A 366 -1.02 -13.48 15.60
C ALA A 366 -2.30 -13.52 16.42
N MET A 367 -3.46 -13.41 15.79
CA MET A 367 -4.77 -13.46 16.52
C MET A 367 -4.98 -14.86 17.11
N GLY A 368 -4.31 -15.87 16.55
CA GLY A 368 -4.34 -17.27 17.03
C GLY A 368 -3.17 -17.59 17.97
N GLY A 369 -2.42 -16.57 18.39
CA GLY A 369 -1.44 -16.65 19.50
C GLY A 369 -0.01 -16.81 19.02
N LEU A 370 0.26 -16.73 17.72
CA LEU A 370 1.65 -16.96 17.21
C LEU A 370 2.36 -15.61 16.99
N HIS A 371 3.68 -15.66 16.75
CA HIS A 371 4.54 -14.50 16.47
C HIS A 371 5.15 -14.65 15.09
N PRO A 372 4.44 -14.20 14.04
CA PRO A 372 4.92 -14.36 12.68
C PRO A 372 6.12 -13.46 12.39
N VAL A 373 7.02 -13.97 11.56
CA VAL A 373 8.15 -13.23 10.97
C VAL A 373 7.89 -13.22 9.46
N VAL A 374 7.56 -12.04 8.94
CA VAL A 374 7.25 -11.83 7.49
C VAL A 374 8.49 -11.23 6.83
N ALA A 375 9.18 -12.04 6.04
CA ALA A 375 10.39 -11.64 5.31
C ALA A 375 9.97 -11.26 3.88
N ILE A 376 9.95 -9.96 3.62
CA ILE A 376 9.62 -9.35 2.29
C ILE A 376 10.66 -8.27 2.00
N TYR A 377 11.24 -8.30 0.81
CA TYR A 377 12.20 -7.25 0.36
C TYR A 377 11.55 -5.89 0.52
N SER A 378 12.33 -4.92 0.98
CA SER A 378 11.94 -3.53 1.30
C SER A 378 10.97 -2.96 0.24
N THR A 379 11.38 -2.95 -1.03
CA THR A 379 10.60 -2.29 -2.12
C THR A 379 9.21 -2.96 -2.26
N PHE A 380 9.13 -4.28 -2.13
CA PHE A 380 7.87 -5.03 -2.35
C PHE A 380 6.91 -4.81 -1.18
N LEU A 381 7.42 -4.41 -0.01
CA LEU A 381 6.56 -4.18 1.18
C LEU A 381 5.62 -2.99 0.95
N ASN A 382 5.92 -2.10 -0.01
CA ASN A 382 4.96 -1.05 -0.44
C ASN A 382 3.57 -1.65 -0.66
N ARG A 383 3.50 -2.84 -1.26
CA ARG A 383 2.19 -3.47 -1.61
C ARG A 383 1.36 -3.75 -0.35
N ALA A 384 1.99 -3.89 0.81
CA ALA A 384 1.36 -4.36 2.07
C ALA A 384 1.09 -3.21 3.04
N PHE A 385 1.20 -1.95 2.60
CA PHE A 385 1.10 -0.77 3.49
C PHE A 385 -0.23 -0.79 4.26
N ASP A 386 -1.35 -0.95 3.57
CA ASP A 386 -2.68 -0.89 4.23
C ASP A 386 -2.87 -2.08 5.17
N GLN A 387 -2.21 -3.21 4.90
CA GLN A 387 -2.40 -4.44 5.71
C GLN A 387 -1.56 -4.25 6.98
N ILE A 388 -0.36 -3.68 6.86
CA ILE A 388 0.47 -3.31 8.05
C ILE A 388 -0.37 -2.38 8.94
N MET A 389 -1.03 -1.39 8.32
CA MET A 389 -1.80 -0.35 9.03
C MET A 389 -3.04 -0.95 9.71
N MET A 390 -3.97 -1.50 8.92
CA MET A 390 -5.34 -1.77 9.45
C MET A 390 -5.48 -3.21 9.95
N ASP A 391 -4.62 -4.13 9.50
CA ASP A 391 -4.75 -5.55 9.90
C ASP A 391 -3.79 -5.84 11.06
N VAL A 392 -2.54 -5.39 10.98
CA VAL A 392 -1.53 -5.69 12.03
C VAL A 392 -1.56 -4.58 13.10
N ALA A 393 -1.29 -3.34 12.72
CA ALA A 393 -1.03 -2.23 13.68
C ALA A 393 -2.32 -1.86 14.44
N LEU A 394 -3.46 -1.84 13.75
CA LEU A 394 -4.75 -1.45 14.37
C LEU A 394 -5.09 -2.40 15.52
N HIS A 395 -4.78 -3.69 15.35
CA HIS A 395 -5.08 -4.75 16.35
C HIS A 395 -3.93 -4.96 17.32
N LYS A 396 -2.87 -4.13 17.26
CA LYS A 396 -1.68 -4.19 18.15
C LYS A 396 -1.10 -5.62 18.16
N LEU A 397 -0.92 -6.23 16.99
CA LEU A 397 -0.48 -7.65 16.88
C LEU A 397 1.03 -7.74 16.74
N PRO A 398 1.65 -8.74 17.42
CA PRO A 398 3.10 -8.94 17.38
C PRO A 398 3.56 -9.66 16.12
N VAL A 399 3.55 -8.94 15.00
CA VAL A 399 4.14 -9.40 13.71
C VAL A 399 5.47 -8.68 13.54
N THR A 400 6.53 -9.45 13.30
CA THR A 400 7.87 -8.95 12.95
C THR A 400 8.03 -9.01 11.43
N MET A 401 8.29 -7.88 10.81
CA MET A 401 8.61 -7.75 9.37
C MET A 401 10.12 -7.68 9.22
N VAL A 402 10.68 -8.44 8.29
CA VAL A 402 12.15 -8.41 8.03
C VAL A 402 12.36 -8.00 6.57
N LEU A 403 12.98 -6.85 6.36
CA LEU A 403 13.09 -6.20 5.04
C LEU A 403 14.54 -6.29 4.58
N ASP A 404 14.83 -7.30 3.78
CA ASP A 404 16.11 -7.49 3.07
C ASP A 404 16.14 -6.52 1.89
N ARG A 405 17.28 -6.36 1.22
CA ARG A 405 17.43 -5.46 0.05
C ARG A 405 16.98 -4.04 0.46
N ALA A 406 17.22 -3.64 1.71
CA ALA A 406 16.92 -2.28 2.19
C ALA A 406 18.04 -1.33 1.79
N GLY A 407 17.66 -0.14 1.33
CA GLY A 407 18.60 0.86 0.80
C GLY A 407 18.90 0.57 -0.65
N ILE A 408 19.90 1.26 -1.19
CA ILE A 408 20.24 1.14 -2.63
C ILE A 408 20.65 -0.32 -2.92
N THR A 409 20.06 -0.91 -3.96
CA THR A 409 20.46 -2.22 -4.53
C THR A 409 21.19 -1.96 -5.86
N GLY A 410 20.81 -0.93 -6.62
CA GLY A 410 21.59 -0.45 -7.77
C GLY A 410 21.17 -1.04 -9.11
N SER A 411 21.61 -2.27 -9.42
CA SER A 411 21.67 -2.85 -10.79
CA SER A 411 21.66 -2.79 -10.81
C SER A 411 20.27 -3.13 -11.35
N ASP A 412 19.28 -3.30 -10.47
CA ASP A 412 17.87 -3.64 -10.87
C ASP A 412 17.04 -2.37 -11.04
N GLY A 413 17.66 -1.20 -10.87
CA GLY A 413 17.05 0.09 -11.22
C GLY A 413 16.04 0.58 -10.20
N ALA A 414 15.26 1.57 -10.62
CA ALA A 414 14.44 2.45 -9.75
C ALA A 414 13.43 1.64 -8.92
N SER A 415 12.85 0.58 -9.50
CA SER A 415 11.72 -0.14 -8.85
C SER A 415 12.23 -1.21 -7.89
N HIS A 416 13.54 -1.35 -7.69
CA HIS A 416 14.12 -2.38 -6.79
C HIS A 416 14.77 -1.75 -5.53
N ASN A 417 15.33 -0.54 -5.64
CA ASN A 417 15.99 0.15 -4.49
C ASN A 417 15.03 0.18 -3.28
N GLY A 418 15.47 -0.32 -2.13
CA GLY A 418 14.67 -0.42 -0.89
C GLY A 418 14.73 0.90 -0.13
N MET A 419 14.27 1.98 -0.76
CA MET A 419 14.55 3.34 -0.26
C MET A 419 13.27 4.02 0.25
N TRP A 420 12.18 3.25 0.48
CA TRP A 420 10.87 3.80 0.90
C TRP A 420 10.51 3.35 2.33
N ASP A 421 11.11 2.28 2.85
CA ASP A 421 10.55 1.57 4.02
C ASP A 421 10.57 2.44 5.27
N LEU A 422 11.63 3.23 5.54
CA LEU A 422 11.67 3.98 6.83
C LEU A 422 10.59 5.09 6.78
N SER A 423 10.30 5.61 5.60
CA SER A 423 9.29 6.68 5.39
C SER A 423 7.89 6.09 5.51
N MET A 424 7.66 4.94 4.87
CA MET A 424 6.33 4.26 4.91
C MET A 424 6.07 3.76 6.34
N LEU A 425 7.03 3.07 6.98
CA LEU A 425 6.79 2.43 8.30
C LEU A 425 6.60 3.51 9.37
N GLY A 426 7.19 4.70 9.21
CA GLY A 426 7.04 5.82 10.16
C GLY A 426 5.59 6.28 10.30
N ILE A 427 4.74 5.97 9.31
CA ILE A 427 3.29 6.37 9.32
C ILE A 427 2.51 5.45 10.27
N VAL A 428 3.04 4.26 10.56
CA VAL A 428 2.27 3.18 11.24
C VAL A 428 2.23 3.46 12.74
N PRO A 429 1.05 3.75 13.33
CA PRO A 429 0.98 3.97 14.76
C PRO A 429 1.59 2.83 15.57
N GLY A 430 2.48 3.19 16.50
CA GLY A 430 2.99 2.28 17.55
C GLY A 430 4.15 1.43 17.03
N ILE A 431 4.54 1.55 15.76
CA ILE A 431 5.53 0.61 15.17
C ILE A 431 6.91 0.86 15.82
N ARG A 432 7.71 -0.19 15.87
CA ARG A 432 9.12 -0.12 16.28
C ARG A 432 9.96 -0.66 15.12
N VAL A 433 10.93 0.12 14.67
CA VAL A 433 11.76 -0.20 13.47
C VAL A 433 13.23 -0.17 13.85
N ALA A 434 13.92 -1.27 13.58
CA ALA A 434 15.39 -1.40 13.80
C ALA A 434 16.12 -1.44 12.46
N ALA A 435 17.33 -0.88 12.43
CA ALA A 435 18.22 -0.96 11.27
C ALA A 435 19.58 -1.49 11.73
N PRO A 436 19.82 -2.82 11.65
CA PRO A 436 21.12 -3.40 12.01
C PRO A 436 22.33 -2.75 11.30
N ARG A 437 23.38 -2.46 12.09
CA ARG A 437 24.65 -1.90 11.57
C ARG A 437 25.60 -3.04 11.19
N ASP A 438 25.37 -4.25 11.70
CA ASP A 438 26.29 -5.41 11.52
C ASP A 438 25.58 -6.70 11.91
N ALA A 439 26.29 -7.83 11.80
CA ALA A 439 25.75 -9.18 12.07
C ALA A 439 25.29 -9.29 13.52
N THR A 440 26.11 -8.87 14.49
CA THR A 440 25.76 -9.00 15.93
C THR A 440 24.50 -8.17 16.23
N ARG A 441 24.35 -6.96 15.66
CA ARG A 441 23.16 -6.11 15.91
C ARG A 441 21.93 -6.70 15.20
N LEU A 442 22.11 -7.34 14.03
CA LEU A 442 20.98 -8.06 13.36
C LEU A 442 20.47 -9.16 14.31
N ARG A 443 21.37 -9.99 14.86
CA ARG A 443 21.00 -11.05 15.84
CA ARG A 443 21.02 -11.05 15.84
C ARG A 443 20.30 -10.41 17.04
N GLU A 444 20.89 -9.37 17.62
CA GLU A 444 20.37 -8.73 18.84
C GLU A 444 18.98 -8.15 18.57
N GLU A 445 18.84 -7.37 17.51
CA GLU A 445 17.60 -6.58 17.22
C GLU A 445 16.48 -7.52 16.82
N LEU A 446 16.79 -8.63 16.16
CA LEU A 446 15.79 -9.68 15.86
C LEU A 446 15.27 -10.26 17.18
N GLY A 447 16.15 -10.60 18.13
CA GLY A 447 15.73 -11.10 19.46
C GLY A 447 14.82 -10.09 20.15
N GLU A 448 15.17 -8.81 20.10
CA GLU A 448 14.36 -7.74 20.73
C GLU A 448 13.00 -7.63 20.04
N ALA A 449 12.97 -7.67 18.70
CA ALA A 449 11.72 -7.67 17.90
C ALA A 449 10.82 -8.83 18.35
N LEU A 450 11.37 -10.04 18.50
CA LEU A 450 10.60 -11.24 18.84
C LEU A 450 10.04 -11.14 20.28
N ASP A 451 10.62 -10.27 21.12
CA ASP A 451 10.16 -10.03 22.51
C ASP A 451 9.12 -8.92 22.58
N VAL A 452 8.80 -8.25 21.47
CA VAL A 452 7.71 -7.23 21.43
C VAL A 452 6.41 -7.98 21.17
N ASP A 453 5.50 -8.00 22.14
CA ASP A 453 4.29 -8.85 22.09
C ASP A 453 3.03 -8.00 21.91
N ASP A 454 3.15 -6.68 21.77
CA ASP A 454 1.98 -5.74 21.84
C ASP A 454 1.89 -4.84 20.60
N GLY A 455 2.58 -5.19 19.52
CA GLY A 455 2.52 -4.40 18.27
C GLY A 455 3.57 -4.83 17.25
N PRO A 456 3.49 -4.28 16.03
CA PRO A 456 4.41 -4.64 14.95
C PRO A 456 5.84 -4.16 15.21
N THR A 457 6.79 -4.95 14.72
CA THR A 457 8.22 -4.60 14.69
C THR A 457 8.71 -4.80 13.27
N ALA A 458 9.77 -4.10 12.89
CA ALA A 458 10.42 -4.28 11.57
C ALA A 458 11.94 -4.21 11.75
N LEU A 459 12.65 -5.05 11.00
CA LEU A 459 14.12 -4.95 10.80
C LEU A 459 14.35 -4.72 9.32
N ARG A 460 15.24 -3.80 8.97
CA ARG A 460 15.63 -3.53 7.57
C ARG A 460 17.16 -3.59 7.47
N PHE A 461 17.66 -4.29 6.45
CA PHE A 461 19.12 -4.46 6.23
C PHE A 461 19.40 -4.60 4.73
N PRO A 462 20.63 -4.30 4.27
CA PRO A 462 20.91 -4.26 2.85
C PRO A 462 21.19 -5.63 2.22
N LYS A 463 21.20 -5.63 0.89
CA LYS A 463 21.68 -6.73 0.04
C LYS A 463 23.20 -6.83 0.24
N GLY A 464 23.73 -8.04 0.18
CA GLY A 464 25.18 -8.27 -0.02
C GLY A 464 25.81 -8.84 1.22
N ASP A 465 27.13 -8.68 1.35
CA ASP A 465 27.91 -9.29 2.45
C ASP A 465 27.98 -8.32 3.62
N VAL A 466 28.00 -8.87 4.83
CA VAL A 466 28.14 -8.10 6.07
C VAL A 466 29.65 -8.06 6.40
N GLY A 467 30.16 -6.86 6.68
CA GLY A 467 31.55 -6.66 7.13
C GLY A 467 31.72 -7.10 8.57
N GLU A 468 32.86 -6.73 9.18
CA GLU A 468 33.17 -7.01 10.59
C GLU A 468 32.19 -6.27 11.50
N ASP A 469 31.94 -6.82 12.68
CA ASP A 469 31.20 -6.13 13.78
C ASP A 469 31.86 -4.78 14.06
N ILE A 470 31.02 -3.78 14.36
CA ILE A 470 31.45 -2.41 14.78
C ILE A 470 31.07 -2.30 16.25
N SER A 471 32.07 -2.32 17.13
CA SER A 471 31.90 -2.33 18.60
C SER A 471 31.51 -0.92 19.06
N ALA A 472 30.67 -0.84 20.09
CA ALA A 472 30.22 0.42 20.71
C ALA A 472 31.15 0.73 21.91
N LEU A 473 31.45 2.00 22.14
CA LEU A 473 32.18 2.47 23.36
C LEU A 473 31.25 2.31 24.57
N GLU A 474 29.94 2.44 24.36
CA GLU A 474 28.93 2.58 25.43
C GLU A 474 27.53 2.49 24.80
N ARG A 475 26.53 2.07 25.58
CA ARG A 475 25.09 2.15 25.22
C ARG A 475 24.39 3.11 26.21
N ARG A 476 23.66 4.08 25.67
CA ARG A 476 22.99 5.18 26.40
C ARG A 476 21.55 5.30 25.88
N GLY A 477 20.56 4.92 26.69
CA GLY A 477 19.13 5.02 26.33
C GLY A 477 18.83 4.35 24.99
N GLY A 478 19.24 3.08 24.86
CA GLY A 478 19.04 2.23 23.68
C GLY A 478 20.10 2.43 22.60
N VAL A 479 20.83 3.55 22.64
CA VAL A 479 21.72 4.06 21.55
C VAL A 479 23.15 3.56 21.79
N ASP A 480 23.82 3.06 20.75
CA ASP A 480 25.23 2.61 20.83
C ASP A 480 26.13 3.77 20.38
N VAL A 481 26.99 4.26 21.26
CA VAL A 481 28.01 5.28 20.89
C VAL A 481 29.15 4.52 20.21
N LEU A 482 29.40 4.83 18.94
CA LEU A 482 30.41 4.13 18.10
C LEU A 482 31.72 4.92 18.12
N ALA A 483 31.63 6.23 18.28
CA ALA A 483 32.79 7.14 18.36
C ALA A 483 32.39 8.35 19.20
N ALA A 484 33.34 8.92 19.96
CA ALA A 484 33.12 10.15 20.73
C ALA A 484 34.26 11.11 20.42
N PRO A 485 34.06 12.43 20.59
CA PRO A 485 35.11 13.40 20.33
C PRO A 485 36.37 13.04 21.13
N ALA A 486 37.53 13.18 20.50
CA ALA A 486 38.85 12.93 21.13
C ALA A 486 39.01 13.92 22.29
N ASP A 487 39.71 13.51 23.35
CA ASP A 487 40.04 14.39 24.49
C ASP A 487 40.63 15.68 23.91
N GLY A 488 39.99 16.82 24.18
CA GLY A 488 40.46 18.15 23.73
C GLY A 488 39.62 18.72 22.60
N LEU A 489 38.67 17.96 22.05
CA LEU A 489 37.74 18.44 20.99
C LEU A 489 36.36 18.73 21.61
N ASN A 490 35.63 19.68 21.02
CA ASN A 490 34.27 20.06 21.45
C ASN A 490 33.28 19.01 20.94
N HIS A 491 32.08 18.96 21.54
CA HIS A 491 30.92 18.17 21.06
C HIS A 491 30.24 18.94 19.93
N ASP A 492 30.87 18.96 18.75
CA ASP A 492 30.41 19.77 17.59
C ASP A 492 29.20 19.10 16.90
N VAL A 493 29.33 17.82 16.55
CA VAL A 493 28.34 17.14 15.65
C VAL A 493 27.94 15.83 16.28
N LEU A 494 26.63 15.60 16.42
CA LEU A 494 26.05 14.26 16.64
C LEU A 494 25.74 13.70 15.25
N LEU A 495 26.43 12.63 14.86
CA LEU A 495 26.24 11.95 13.56
C LEU A 495 25.42 10.69 13.86
N VAL A 496 24.15 10.72 13.48
CA VAL A 496 23.20 9.61 13.73
C VAL A 496 23.30 8.69 12.51
N ALA A 497 24.03 7.59 12.64
CA ALA A 497 24.33 6.63 11.57
C ALA A 497 23.23 5.57 11.54
N ILE A 498 22.43 5.59 10.49
CA ILE A 498 21.31 4.61 10.36
C ILE A 498 21.88 3.37 9.68
N GLY A 499 21.73 2.22 10.34
CA GLY A 499 21.93 0.88 9.77
C GLY A 499 23.28 0.73 9.08
N ALA A 500 23.24 0.47 7.76
CA ALA A 500 24.42 0.04 6.97
C ALA A 500 25.36 1.21 6.69
N PHE A 501 25.00 2.45 7.08
CA PHE A 501 25.89 3.62 6.87
C PHE A 501 26.79 3.88 8.09
N ALA A 502 26.87 2.96 9.07
CA ALA A 502 27.78 3.09 10.25
C ALA A 502 29.24 3.17 9.79
N PRO A 503 29.73 2.30 8.87
CA PRO A 503 31.12 2.43 8.39
C PRO A 503 31.38 3.81 7.78
N MET A 504 30.51 4.29 6.89
CA MET A 504 30.63 5.64 6.29
C MET A 504 30.66 6.72 7.39
N ALA A 505 29.81 6.62 8.42
CA ALA A 505 29.74 7.60 9.53
C ALA A 505 31.08 7.67 10.28
N LEU A 506 31.65 6.52 10.59
CA LEU A 506 32.95 6.40 11.33
C LEU A 506 34.09 7.01 10.49
N ALA A 507 34.11 6.76 9.17
CA ALA A 507 35.09 7.35 8.23
C ALA A 507 34.94 8.88 8.21
N VAL A 508 33.70 9.38 8.19
CA VAL A 508 33.38 10.83 8.23
C VAL A 508 33.92 11.42 9.55
N ALA A 509 33.70 10.75 10.68
CA ALA A 509 34.14 11.17 12.04
C ALA A 509 35.67 11.27 12.08
N LYS A 510 36.38 10.31 11.48
CA LYS A 510 37.86 10.27 11.42
C LYS A 510 38.37 11.50 10.67
N ARG A 511 37.77 11.79 9.51
CA ARG A 511 38.16 12.94 8.65
C ARG A 511 37.96 14.23 9.45
N LEU A 512 36.83 14.38 10.13
CA LEU A 512 36.48 15.62 10.85
C LEU A 512 37.38 15.75 12.09
N HIS A 513 37.71 14.63 12.74
CA HIS A 513 38.70 14.58 13.85
C HIS A 513 40.01 15.23 13.37
N ASN A 514 40.47 14.84 12.18
CA ASN A 514 41.72 15.38 11.58
C ASN A 514 41.60 16.90 11.39
N GLN A 515 40.38 17.43 11.22
CA GLN A 515 40.13 18.89 11.02
C GLN A 515 39.89 19.58 12.37
N GLY A 516 39.94 18.85 13.49
CA GLY A 516 39.67 19.41 14.83
C GLY A 516 38.18 19.54 15.11
N ILE A 517 37.34 18.78 14.41
CA ILE A 517 35.86 18.77 14.64
C ILE A 517 35.51 17.51 15.43
N GLY A 518 34.89 17.70 16.59
CA GLY A 518 34.52 16.61 17.50
C GLY A 518 33.17 16.04 17.09
N VAL A 519 33.12 14.75 16.84
CA VAL A 519 31.90 14.04 16.38
C VAL A 519 31.58 12.91 17.35
N THR A 520 30.34 12.86 17.83
CA THR A 520 29.76 11.63 18.40
C THR A 520 29.04 10.94 17.25
N VAL A 521 29.46 9.72 16.93
CA VAL A 521 28.73 8.82 16.00
C VAL A 521 27.88 7.89 16.85
N ILE A 522 26.57 7.83 16.58
CA ILE A 522 25.67 6.88 17.27
C ILE A 522 24.97 6.02 16.24
N ASP A 523 24.74 4.78 16.63
CA ASP A 523 23.74 3.87 16.01
C ASP A 523 22.57 3.82 16.97
N PRO A 524 21.41 4.43 16.63
CA PRO A 524 20.25 4.39 17.51
C PRO A 524 19.66 2.97 17.66
N ARG A 525 20.01 2.08 16.74
CA ARG A 525 19.55 0.67 16.68
C ARG A 525 18.06 0.65 16.32
N TRP A 526 17.21 1.06 17.26
CA TRP A 526 15.75 1.22 17.03
C TRP A 526 15.51 2.66 16.57
N VAL A 527 15.43 2.83 15.25
CA VAL A 527 15.34 4.15 14.56
C VAL A 527 13.97 4.81 14.86
N LEU A 528 12.92 3.99 14.96
CA LEU A 528 11.52 4.42 15.25
C LEU A 528 10.98 3.56 16.37
N PRO A 529 10.32 4.14 17.42
CA PRO A 529 10.24 5.60 17.56
C PRO A 529 11.63 6.14 17.95
N VAL A 530 11.85 7.45 17.80
CA VAL A 530 13.18 8.08 18.12
C VAL A 530 13.39 7.92 19.63
N SER A 531 14.57 7.45 20.06
CA SER A 531 14.83 7.08 21.47
C SER A 531 15.20 8.30 22.33
N ASP A 532 14.97 8.17 23.63
CA ASP A 532 15.45 9.10 24.70
C ASP A 532 16.94 9.37 24.47
N GLY A 533 17.69 8.32 24.12
CA GLY A 533 19.15 8.39 23.89
C GLY A 533 19.52 9.47 22.89
N VAL A 534 18.80 9.58 21.77
CA VAL A 534 19.18 10.58 20.74
C VAL A 534 18.74 11.98 21.20
N ARG A 535 17.63 12.12 21.93
CA ARG A 535 17.23 13.45 22.50
C ARG A 535 18.29 13.91 23.51
N GLU A 536 18.75 13.01 24.38
CA GLU A 536 19.76 13.30 25.44
C GLU A 536 21.08 13.76 24.81
N LEU A 537 21.53 13.11 23.74
CA LEU A 537 22.83 13.43 23.10
C LEU A 537 22.70 14.67 22.22
N ALA A 538 21.55 14.89 21.57
CA ALA A 538 21.31 16.04 20.67
C ALA A 538 21.57 17.36 21.42
N VAL A 539 21.10 17.48 22.67
CA VAL A 539 21.20 18.76 23.43
C VAL A 539 22.68 19.04 23.76
N GLN A 540 23.55 18.03 23.71
CA GLN A 540 24.99 18.16 24.04
C GLN A 540 25.83 18.53 22.81
N HIS A 541 25.23 18.69 21.62
CA HIS A 541 25.98 18.96 20.37
C HIS A 541 25.44 20.25 19.71
N LYS A 542 26.22 20.88 18.84
CA LYS A 542 25.86 22.13 18.12
C LYS A 542 25.02 21.81 16.87
N LEU A 543 25.22 20.62 16.31
CA LEU A 543 24.63 20.20 15.02
C LEU A 543 24.30 18.71 15.12
N LEU A 544 23.15 18.33 14.57
CA LEU A 544 22.75 16.91 14.42
C LEU A 544 22.65 16.61 12.93
N VAL A 545 23.34 15.56 12.47
CA VAL A 545 23.25 15.08 11.07
C VAL A 545 22.84 13.62 11.11
N THR A 546 21.74 13.29 10.45
CA THR A 546 21.33 11.88 10.28
C THR A 546 21.86 11.40 8.92
N LEU A 547 22.37 10.18 8.86
CA LEU A 547 22.90 9.63 7.60
C LEU A 547 22.19 8.30 7.35
N GLU A 548 21.38 8.21 6.29
CA GLU A 548 20.46 7.06 6.10
C GLU A 548 20.45 6.61 4.64
N ASP A 549 20.36 5.29 4.47
CA ASP A 549 20.24 4.60 3.16
C ASP A 549 18.73 4.45 2.89
N ASN A 550 18.07 5.58 2.73
CA ASN A 550 16.59 5.68 2.58
C ASN A 550 16.29 7.04 1.97
N GLY A 551 15.15 7.18 1.31
CA GLY A 551 14.68 8.49 0.84
C GLY A 551 14.60 9.48 1.99
N VAL A 552 15.03 10.72 1.77
CA VAL A 552 15.04 11.78 2.83
C VAL A 552 13.61 12.17 3.22
N ASN A 553 12.63 12.08 2.30
CA ASN A 553 11.26 12.59 2.59
C ASN A 553 10.59 11.62 3.55
N GLY A 554 10.26 12.08 4.76
CA GLY A 554 9.66 11.24 5.82
C GLY A 554 10.63 10.20 6.35
N GLY A 555 11.93 10.30 6.04
CA GLY A 555 12.92 9.31 6.48
C GLY A 555 13.35 9.50 7.93
N ALA A 556 14.39 8.76 8.33
CA ALA A 556 14.94 8.74 9.70
C ALA A 556 15.35 10.16 10.14
N GLY A 557 16.02 10.92 9.27
CA GLY A 557 16.49 12.29 9.58
C GLY A 557 15.30 13.21 9.88
N SER A 558 14.26 13.13 9.05
CA SER A 558 13.02 13.94 9.25
CA SER A 558 13.01 13.92 9.24
C SER A 558 12.35 13.52 10.57
N ALA A 559 12.36 12.22 10.88
CA ALA A 559 11.75 11.68 12.13
C ALA A 559 12.54 12.19 13.35
N VAL A 560 13.87 12.20 13.26
CA VAL A 560 14.74 12.67 14.38
C VAL A 560 14.44 14.14 14.62
N SER A 561 14.42 14.95 13.56
CA SER A 561 14.07 16.39 13.63
C SER A 561 12.69 16.56 14.30
N ALA A 562 11.69 15.83 13.81
CA ALA A 562 10.29 15.92 14.31
C ALA A 562 10.28 15.62 15.81
N ALA A 563 11.00 14.58 16.24
CA ALA A 563 11.02 14.12 17.65
C ALA A 563 11.73 15.16 18.53
N LEU A 564 12.83 15.75 18.06
CA LEU A 564 13.52 16.83 18.83
C LEU A 564 12.58 18.03 18.98
N ARG A 565 11.98 18.47 17.87
CA ARG A 565 11.08 19.66 17.87
C ARG A 565 9.91 19.41 18.82
N ARG A 566 9.28 18.23 18.77
CA ARG A 566 8.20 17.83 19.70
C ARG A 566 8.69 17.96 21.16
N ALA A 567 9.98 17.69 21.42
CA ALA A 567 10.56 17.75 22.78
C ALA A 567 11.15 19.15 23.06
N GLU A 568 10.83 20.15 22.23
CA GLU A 568 11.27 21.57 22.39
C GLU A 568 12.79 21.68 22.24
N ILE A 569 13.42 20.83 21.42
CA ILE A 569 14.88 20.86 21.13
C ILE A 569 15.05 21.40 19.70
N ASP A 570 15.63 22.60 19.54
CA ASP A 570 15.72 23.28 18.22
C ASP A 570 17.17 23.29 17.75
N VAL A 571 17.99 22.36 18.23
CA VAL A 571 19.34 22.06 17.66
C VAL A 571 19.16 21.89 16.15
N PRO A 572 19.97 22.59 15.31
CA PRO A 572 19.89 22.40 13.87
C PRO A 572 20.12 20.93 13.51
N CYS A 573 19.23 20.40 12.66
CA CYS A 573 19.24 19.02 12.15
C CYS A 573 19.41 19.05 10.63
N ARG A 574 20.15 18.09 10.09
CA ARG A 574 20.31 17.95 8.63
C ARG A 574 20.06 16.49 8.29
N ASP A 575 19.37 16.27 7.18
CA ASP A 575 18.88 14.94 6.73
C ASP A 575 19.75 14.53 5.54
N VAL A 576 20.83 13.79 5.79
CA VAL A 576 21.69 13.30 4.70
C VAL A 576 21.22 11.89 4.34
N GLY A 577 20.77 11.72 3.11
CA GLY A 577 20.32 10.40 2.63
C GLY A 577 20.05 10.45 1.15
N LEU A 578 19.18 9.57 0.67
CA LEU A 578 18.85 9.48 -0.77
C LEU A 578 17.86 10.59 -1.11
N PRO A 579 18.13 11.45 -2.10
CA PRO A 579 17.10 12.34 -2.63
C PRO A 579 15.86 11.52 -3.06
N GLN A 580 14.69 12.14 -2.95
CA GLN A 580 13.38 11.47 -3.17
C GLN A 580 13.18 11.35 -4.69
N GLU A 581 13.90 10.44 -5.33
CA GLU A 581 13.94 10.31 -6.79
C GLU A 581 14.02 8.83 -7.17
N PHE A 582 13.60 8.49 -8.36
CA PHE A 582 13.81 7.15 -8.94
C PHE A 582 15.19 7.13 -9.60
N TYR A 583 16.02 6.15 -9.25
CA TYR A 583 17.43 6.06 -9.76
C TYR A 583 17.51 5.07 -10.90
N GLU A 584 18.22 5.46 -11.97
CA GLU A 584 18.62 4.57 -13.08
C GLU A 584 19.52 3.46 -12.52
N HIS A 585 19.61 2.35 -13.24
CA HIS A 585 20.42 1.17 -12.86
C HIS A 585 21.91 1.56 -12.88
N ALA A 586 22.64 1.12 -11.86
CA ALA A 586 24.10 1.27 -11.70
C ALA A 586 24.48 0.41 -10.50
N SER A 587 25.77 0.18 -10.20
CA SER A 587 26.14 -0.56 -8.97
C SER A 587 25.73 0.31 -7.77
N ARG A 588 25.56 -0.29 -6.61
CA ARG A 588 25.26 0.47 -5.37
C ARG A 588 26.35 1.53 -5.17
N SER A 589 27.64 1.19 -5.29
CA SER A 589 28.74 2.16 -5.08
C SER A 589 28.63 3.33 -6.07
N GLU A 590 28.29 3.07 -7.34
CA GLU A 590 28.11 4.12 -8.36
C GLU A 590 26.96 5.04 -7.96
N VAL A 591 25.83 4.49 -7.54
CA VAL A 591 24.66 5.33 -7.16
C VAL A 591 25.08 6.24 -6.00
N LEU A 592 25.63 5.67 -4.94
CA LEU A 592 26.01 6.45 -3.73
C LEU A 592 27.07 7.51 -4.10
N ALA A 593 28.06 7.17 -4.93
CA ALA A 593 29.10 8.12 -5.39
C ALA A 593 28.44 9.26 -6.18
N ASP A 594 27.52 8.97 -7.09
CA ASP A 594 26.84 10.00 -7.94
C ASP A 594 25.98 10.94 -7.07
N LEU A 595 25.50 10.48 -5.92
CA LEU A 595 24.64 11.29 -5.00
C LEU A 595 25.50 12.03 -3.97
N GLY A 596 26.80 11.75 -3.89
CA GLY A 596 27.69 12.33 -2.87
C GLY A 596 27.54 11.67 -1.52
N LEU A 597 27.05 10.43 -1.49
CA LEU A 597 26.98 9.60 -0.26
C LEU A 597 28.27 8.78 -0.17
N THR A 598 29.36 9.50 0.09
CA THR A 598 30.73 8.99 0.35
C THR A 598 31.26 9.69 1.61
N ASP A 599 32.19 9.08 2.32
CA ASP A 599 32.75 9.69 3.54
C ASP A 599 33.38 11.05 3.18
N GLN A 600 33.99 11.18 2.00
CA GLN A 600 34.67 12.43 1.56
C GLN A 600 33.64 13.54 1.35
N ASP A 601 32.55 13.28 0.62
CA ASP A 601 31.54 14.30 0.25
C ASP A 601 30.71 14.66 1.49
N VAL A 602 30.41 13.69 2.35
CA VAL A 602 29.58 13.91 3.58
C VAL A 602 30.41 14.74 4.57
N ALA A 603 31.67 14.38 4.81
CA ALA A 603 32.59 15.13 5.70
C ALA A 603 32.69 16.59 5.21
N ARG A 604 32.78 16.80 3.89
CA ARG A 604 32.79 18.15 3.29
C ARG A 604 31.51 18.92 3.61
N ARG A 605 30.33 18.29 3.49
CA ARG A 605 29.05 18.98 3.76
C ARG A 605 29.03 19.38 5.24
N ILE A 606 29.40 18.46 6.13
CA ILE A 606 29.34 18.68 7.61
C ILE A 606 30.32 19.79 7.99
N THR A 607 31.51 19.82 7.36
CA THR A 607 32.50 20.93 7.51
C THR A 607 31.83 22.28 7.21
N GLY A 608 31.13 22.41 6.08
CA GLY A 608 30.38 23.61 5.67
C GLY A 608 29.32 24.04 6.70
N TRP A 609 28.58 23.08 7.26
CA TRP A 609 27.55 23.37 8.30
C TRP A 609 28.23 23.80 9.60
N VAL A 610 29.28 23.10 10.03
CA VAL A 610 30.00 23.40 11.32
C VAL A 610 30.57 24.83 11.24
N ALA A 611 31.03 25.25 10.05
CA ALA A 611 31.60 26.60 9.78
C ALA A 611 30.53 27.68 9.94
N ALA A 612 29.34 27.50 9.35
CA ALA A 612 28.25 28.49 9.38
C ALA A 612 27.66 28.64 10.80
N LEU A 613 27.88 27.66 11.69
CA LEU A 613 27.34 27.62 13.07
C LEU A 613 28.43 27.92 14.12
N GLY A 614 29.71 27.86 13.76
CA GLY A 614 30.84 28.00 14.70
C GLY A 614 30.93 26.80 15.64
N MET B 27 -40.74 -6.37 20.81
CA MET B 27 -39.44 -7.14 20.64
C MET B 27 -39.36 -8.23 21.72
N GLY B 28 -40.50 -8.89 22.01
CA GLY B 28 -40.67 -9.87 23.10
C GLY B 28 -39.60 -10.94 23.06
N MET B 29 -39.42 -11.57 21.90
CA MET B 29 -38.46 -12.69 21.70
C MET B 29 -37.02 -12.16 21.66
N LEU B 30 -36.77 -11.09 20.93
CA LEU B 30 -35.40 -10.52 20.80
C LEU B 30 -34.85 -10.20 22.19
N GLN B 31 -35.65 -9.64 23.08
CA GLN B 31 -35.20 -9.24 24.43
C GLN B 31 -34.78 -10.48 25.24
N GLN B 32 -35.19 -11.69 24.85
CA GLN B 32 -34.87 -12.98 25.54
C GLN B 32 -33.58 -13.60 25.00
N ILE B 33 -32.97 -13.09 23.91
CA ILE B 33 -31.77 -13.74 23.30
C ILE B 33 -30.54 -13.19 24.02
N ARG B 34 -29.91 -14.02 24.86
CA ARG B 34 -28.74 -13.62 25.67
C ARG B 34 -27.46 -13.81 24.86
N GLY B 35 -27.51 -14.73 23.90
CA GLY B 35 -26.38 -15.12 23.06
C GLY B 35 -26.83 -16.17 22.05
N PRO B 36 -25.92 -16.60 21.14
CA PRO B 36 -26.30 -17.48 20.04
C PRO B 36 -27.07 -18.75 20.38
N ALA B 37 -26.73 -19.41 21.50
CA ALA B 37 -27.34 -20.71 21.87
C ALA B 37 -28.82 -20.54 22.19
N ASP B 38 -29.28 -19.32 22.48
CA ASP B 38 -30.73 -19.07 22.72
C ASP B 38 -31.53 -19.25 21.42
N LEU B 39 -30.86 -19.32 20.25
CA LEU B 39 -31.54 -19.61 18.96
C LEU B 39 -31.72 -21.12 18.80
N GLN B 40 -31.00 -21.94 19.59
CA GLN B 40 -30.64 -23.34 19.23
C GLN B 40 -31.88 -24.24 19.17
N HIS B 41 -32.89 -24.01 20.00
CA HIS B 41 -34.11 -24.88 20.03
C HIS B 41 -35.35 -24.08 19.58
N LEU B 42 -35.17 -22.91 18.95
CA LEU B 42 -36.32 -22.16 18.39
C LEU B 42 -36.85 -22.92 17.18
N SER B 43 -38.17 -22.91 17.01
CA SER B 43 -38.85 -23.47 15.82
C SER B 43 -38.58 -22.54 14.63
N GLN B 44 -38.84 -23.01 13.41
CA GLN B 44 -38.74 -22.13 12.22
C GLN B 44 -39.71 -20.95 12.37
N ALA B 45 -40.91 -21.16 12.90
CA ALA B 45 -41.91 -20.09 13.10
C ALA B 45 -41.36 -19.04 14.07
N GLN B 46 -40.70 -19.47 15.16
CA GLN B 46 -40.10 -18.55 16.15
C GLN B 46 -38.97 -17.74 15.49
N LEU B 47 -38.16 -18.37 14.64
CA LEU B 47 -37.05 -17.68 13.94
C LEU B 47 -37.62 -16.66 12.95
N ARG B 48 -38.77 -16.96 12.34
CA ARG B 48 -39.49 -16.04 11.40
C ARG B 48 -39.95 -14.81 12.21
N GLU B 49 -40.53 -15.03 13.39
CA GLU B 49 -40.98 -13.94 14.30
C GLU B 49 -39.78 -13.09 14.72
N LEU B 50 -38.70 -13.76 15.16
CA LEU B 50 -37.46 -13.08 15.60
C LEU B 50 -36.91 -12.21 14.46
N ALA B 51 -36.85 -12.72 13.23
CA ALA B 51 -36.30 -11.93 12.09
C ALA B 51 -37.14 -10.67 11.88
N ALA B 52 -38.47 -10.78 12.00
CA ALA B 52 -39.41 -9.63 11.95
C ALA B 52 -39.05 -8.64 13.07
N GLU B 53 -38.83 -9.11 14.30
CA GLU B 53 -38.49 -8.22 15.45
C GLU B 53 -37.16 -7.50 15.18
N ILE B 54 -36.19 -8.23 14.63
CA ILE B 54 -34.81 -7.70 14.35
C ILE B 54 -34.94 -6.56 13.35
N ARG B 55 -35.75 -6.74 12.30
CA ARG B 55 -35.98 -5.70 11.26
C ARG B 55 -36.63 -4.46 11.89
N GLU B 56 -37.67 -4.65 12.69
CA GLU B 56 -38.37 -3.52 13.40
C GLU B 56 -37.32 -2.76 14.22
N PHE B 57 -36.53 -3.49 15.00
CA PHE B 57 -35.46 -2.94 15.87
C PHE B 57 -34.47 -2.11 15.02
N LEU B 58 -33.96 -2.70 13.94
CA LEU B 58 -32.98 -2.02 13.05
C LEU B 58 -33.59 -0.74 12.50
N ILE B 59 -34.83 -0.80 12.02
CA ILE B 59 -35.48 0.38 11.38
C ILE B 59 -35.62 1.49 12.42
N HIS B 60 -35.90 1.17 13.68
CA HIS B 60 -36.09 2.13 14.81
CA HIS B 60 -36.10 2.21 14.73
C HIS B 60 -34.74 2.71 15.24
N LYS B 61 -33.70 1.87 15.33
CA LYS B 61 -32.42 2.23 16.00
C LYS B 61 -31.42 2.85 15.02
N VAL B 62 -31.51 2.57 13.71
CA VAL B 62 -30.48 2.95 12.71
C VAL B 62 -31.03 4.04 11.78
N ALA B 63 -30.26 5.11 11.55
CA ALA B 63 -30.55 6.16 10.55
C ALA B 63 -30.81 5.53 9.17
N ALA B 64 -31.91 5.92 8.50
CA ALA B 64 -32.35 5.38 7.19
C ALA B 64 -31.33 5.72 6.10
N THR B 65 -30.57 6.81 6.27
CA THR B 65 -29.51 7.28 5.33
C THR B 65 -28.16 7.28 6.06
N GLY B 66 -27.15 6.62 5.48
CA GLY B 66 -25.74 6.66 5.93
C GLY B 66 -25.52 5.85 7.20
N GLY B 67 -26.44 4.95 7.53
CA GLY B 67 -26.39 4.12 8.76
C GLY B 67 -26.00 2.69 8.48
N HIS B 68 -25.87 2.30 7.20
CA HIS B 68 -25.75 0.87 6.80
C HIS B 68 -26.99 0.11 7.28
N LEU B 69 -28.16 0.76 7.30
CA LEU B 69 -29.44 0.03 7.54
C LEU B 69 -29.61 -1.06 6.48
N GLY B 70 -29.49 -0.69 5.20
CA GLY B 70 -29.73 -1.61 4.06
C GLY B 70 -28.91 -2.89 4.16
N PRO B 71 -27.58 -2.79 4.26
CA PRO B 71 -26.72 -3.98 4.34
C PRO B 71 -27.02 -4.89 5.55
N ASN B 72 -27.51 -4.32 6.66
CA ASN B 72 -27.90 -5.07 7.88
C ASN B 72 -29.24 -5.76 7.68
N LEU B 73 -30.23 -5.07 7.12
CA LEU B 73 -31.53 -5.72 6.79
C LEU B 73 -31.28 -6.92 5.86
N GLY B 74 -30.29 -6.81 4.96
CA GLY B 74 -29.96 -7.86 3.99
C GLY B 74 -29.44 -9.14 4.64
N VAL B 75 -28.91 -9.07 5.87
CA VAL B 75 -28.22 -10.26 6.48
C VAL B 75 -28.93 -10.77 7.73
N VAL B 76 -30.21 -10.45 7.93
CA VAL B 76 -30.94 -10.92 9.13
C VAL B 76 -30.98 -12.44 9.13
N GLU B 77 -31.49 -13.07 8.06
CA GLU B 77 -31.62 -14.55 7.99
C GLU B 77 -30.22 -15.16 7.92
N LEU B 78 -29.31 -14.56 7.15
CA LEU B 78 -27.93 -15.11 7.02
C LEU B 78 -27.29 -15.16 8.41
N THR B 79 -27.44 -14.10 9.22
CA THR B 79 -26.77 -14.00 10.55
C THR B 79 -27.42 -14.99 11.53
N LEU B 80 -28.75 -15.12 11.55
CA LEU B 80 -29.46 -16.17 12.34
C LEU B 80 -28.89 -17.55 11.97
N ALA B 81 -28.74 -17.85 10.68
CA ALA B 81 -28.30 -19.17 10.18
C ALA B 81 -26.86 -19.41 10.65
N LEU B 82 -26.00 -18.40 10.55
CA LEU B 82 -24.58 -18.54 10.97
C LEU B 82 -24.52 -18.94 12.44
N HIS B 83 -25.34 -18.32 13.29
CA HIS B 83 -25.30 -18.53 14.77
C HIS B 83 -26.11 -19.77 15.16
N ARG B 84 -26.86 -20.35 14.23
CA ARG B 84 -27.54 -21.66 14.40
C ARG B 84 -26.61 -22.80 14.02
N VAL B 85 -25.62 -22.57 13.17
CA VAL B 85 -24.81 -23.71 12.63
C VAL B 85 -23.42 -23.70 13.27
N PHE B 86 -22.88 -22.51 13.53
CA PHE B 86 -21.49 -22.36 14.03
C PHE B 86 -21.55 -22.01 15.51
N ASP B 87 -20.53 -22.44 16.24
CA ASP B 87 -20.37 -22.21 17.70
C ASP B 87 -19.32 -21.11 17.90
N SER B 88 -19.71 -19.86 17.72
CA SER B 88 -18.82 -18.69 17.93
C SER B 88 -18.48 -18.63 19.41
N PRO B 89 -17.22 -18.29 19.82
CA PRO B 89 -16.11 -18.00 18.92
C PRO B 89 -15.15 -19.17 18.63
N HIS B 90 -15.47 -20.37 19.11
CA HIS B 90 -14.76 -21.63 18.76
C HIS B 90 -14.71 -21.78 17.23
N ASP B 91 -15.83 -21.50 16.57
CA ASP B 91 -15.90 -21.23 15.11
C ASP B 91 -15.91 -19.71 14.93
N PRO B 92 -14.78 -19.07 14.58
CA PRO B 92 -14.75 -17.63 14.35
C PRO B 92 -15.68 -17.28 13.20
N ILE B 93 -16.53 -16.26 13.42
CA ILE B 93 -17.36 -15.67 12.35
C ILE B 93 -16.78 -14.28 12.05
N ILE B 94 -16.14 -14.14 10.90
CA ILE B 94 -15.38 -12.91 10.53
C ILE B 94 -16.14 -12.22 9.41
N PHE B 95 -16.67 -11.03 9.70
CA PHE B 95 -17.38 -10.20 8.71
C PHE B 95 -16.34 -9.38 7.92
N ASP B 96 -16.36 -9.55 6.61
CA ASP B 96 -15.57 -8.69 5.71
C ASP B 96 -16.22 -7.30 5.73
N THR B 97 -15.40 -6.28 5.98
CA THR B 97 -15.80 -4.85 6.04
C THR B 97 -16.41 -4.54 7.42
N GLY B 98 -17.38 -5.33 7.88
CA GLY B 98 -17.87 -5.29 9.27
C GLY B 98 -18.97 -4.27 9.50
N HIS B 99 -19.43 -3.56 8.47
CA HIS B 99 -20.55 -2.60 8.56
C HIS B 99 -21.90 -3.32 8.67
N GLN B 100 -21.93 -4.61 8.32
CA GLN B 100 -23.15 -5.46 8.26
C GLN B 100 -23.19 -6.43 9.46
N ALA B 101 -22.53 -6.10 10.57
CA ALA B 101 -22.43 -6.95 11.79
C ALA B 101 -23.45 -6.51 12.85
N TYR B 102 -24.42 -5.64 12.54
CA TYR B 102 -25.37 -5.20 13.59
C TYR B 102 -26.20 -6.39 14.13
N VAL B 103 -26.67 -7.27 13.25
CA VAL B 103 -27.49 -8.45 13.67
C VAL B 103 -26.60 -9.36 14.52
N HIS B 104 -25.34 -9.55 14.11
CA HIS B 104 -24.32 -10.30 14.89
C HIS B 104 -24.25 -9.71 16.30
N LYS B 105 -24.17 -8.39 16.42
CA LYS B 105 -24.04 -7.77 17.78
C LYS B 105 -25.35 -7.97 18.57
N MET B 106 -26.50 -7.86 17.91
CA MET B 106 -27.81 -8.08 18.57
C MET B 106 -27.90 -9.52 19.09
N LEU B 107 -27.25 -10.50 18.43
CA LEU B 107 -27.33 -11.93 18.85
C LEU B 107 -26.18 -12.30 19.79
N THR B 108 -25.32 -11.35 20.16
CA THR B 108 -24.16 -11.58 21.05
C THR B 108 -24.18 -10.57 22.18
N GLY B 109 -25.38 -10.39 22.77
CA GLY B 109 -25.61 -9.71 24.05
C GLY B 109 -25.52 -8.19 23.99
N ARG B 110 -25.63 -7.57 22.81
CA ARG B 110 -25.41 -6.11 22.66
C ARG B 110 -26.66 -5.41 22.10
N SER B 111 -27.82 -6.04 22.07
CA SER B 111 -29.03 -5.38 21.50
C SER B 111 -29.36 -4.14 22.34
N GLN B 112 -29.11 -4.16 23.65
CA GLN B 112 -29.48 -3.06 24.58
C GLN B 112 -28.59 -1.82 24.36
N ASP B 113 -27.50 -1.95 23.58
CA ASP B 113 -26.45 -0.89 23.42
C ASP B 113 -26.70 -0.03 22.17
N PHE B 114 -27.75 -0.30 21.39
CA PHE B 114 -27.92 0.38 20.08
C PHE B 114 -28.36 1.83 20.27
N ALA B 115 -28.83 2.21 21.45
CA ALA B 115 -29.15 3.62 21.78
C ALA B 115 -27.89 4.48 21.56
N THR B 116 -26.71 3.88 21.73
CA THR B 116 -25.38 4.57 21.70
C THR B 116 -24.62 4.29 20.41
N LEU B 117 -25.23 3.62 19.42
CA LEU B 117 -24.54 3.20 18.18
C LEU B 117 -23.82 4.39 17.53
N ARG B 118 -22.51 4.25 17.33
CA ARG B 118 -21.61 5.21 16.61
C ARG B 118 -21.52 6.53 17.36
N LYS B 119 -21.85 6.57 18.65
CA LYS B 119 -21.65 7.75 19.52
C LYS B 119 -20.38 7.52 20.35
N LYS B 120 -19.72 8.61 20.76
CA LYS B 120 -18.50 8.55 21.60
C LYS B 120 -18.81 7.74 22.87
N GLY B 121 -17.96 6.76 23.19
CA GLY B 121 -18.09 5.84 24.34
C GLY B 121 -19.22 4.82 24.15
N GLY B 122 -19.83 4.81 22.96
CA GLY B 122 -20.96 3.93 22.63
C GLY B 122 -20.54 2.71 21.81
N LEU B 123 -21.53 1.94 21.39
CA LEU B 123 -21.35 0.78 20.49
C LEU B 123 -20.65 1.23 19.20
N SER B 124 -19.57 0.52 18.81
CA SER B 124 -18.87 0.77 17.52
C SER B 124 -19.78 0.40 16.33
N GLY B 125 -19.65 1.12 15.20
CA GLY B 125 -20.29 0.75 13.93
C GLY B 125 -19.69 -0.53 13.32
N TYR B 126 -18.55 -1.00 13.84
CA TYR B 126 -17.80 -2.19 13.37
C TYR B 126 -17.57 -3.16 14.52
N PRO B 127 -17.28 -4.44 14.23
CA PRO B 127 -16.89 -5.38 15.26
C PRO B 127 -15.74 -4.78 16.10
N SER B 128 -15.74 -5.14 17.37
CA SER B 128 -14.78 -4.61 18.38
C SER B 128 -14.39 -5.72 19.33
N ARG B 129 -13.10 -6.04 19.35
CA ARG B 129 -12.51 -7.10 20.19
C ARG B 129 -12.77 -6.73 21.66
N ALA B 130 -12.75 -5.44 22.01
CA ALA B 130 -12.98 -4.95 23.39
C ALA B 130 -14.45 -5.19 23.80
N GLU B 131 -15.38 -5.20 22.84
CA GLU B 131 -16.83 -5.35 23.14
C GLU B 131 -17.20 -6.82 23.36
N SER B 132 -16.58 -7.76 22.67
CA SER B 132 -17.09 -9.15 22.61
C SER B 132 -16.02 -10.14 22.16
N GLU B 133 -16.01 -11.31 22.79
CA GLU B 133 -15.20 -12.48 22.40
C GLU B 133 -15.63 -12.98 21.02
N HIS B 134 -16.81 -12.58 20.55
CA HIS B 134 -17.36 -12.98 19.23
C HIS B 134 -16.85 -12.09 18.09
N ASP B 135 -16.08 -11.04 18.40
CA ASP B 135 -15.57 -10.02 17.44
C ASP B 135 -14.07 -10.19 17.25
N TRP B 136 -13.61 -10.30 16.01
CA TRP B 136 -12.20 -10.57 15.66
C TRP B 136 -11.54 -9.35 14.99
N VAL B 137 -12.19 -8.78 13.97
CA VAL B 137 -11.55 -7.81 13.05
C VAL B 137 -12.29 -6.47 13.15
N GLU B 138 -11.55 -5.41 13.47
CA GLU B 138 -12.13 -4.06 13.65
C GLU B 138 -11.96 -3.20 12.39
N SER B 139 -11.14 -3.65 11.45
CA SER B 139 -10.86 -2.89 10.20
C SER B 139 -12.09 -2.84 9.30
N SER B 140 -12.46 -1.64 8.83
CA SER B 140 -13.53 -1.44 7.84
C SER B 140 -12.99 -1.65 6.42
N HIS B 141 -11.67 -1.85 6.23
CA HIS B 141 -11.10 -1.97 4.86
C HIS B 141 -11.50 -3.32 4.28
N ALA B 142 -12.22 -3.31 3.16
CA ALA B 142 -12.87 -4.52 2.59
C ALA B 142 -11.84 -5.52 2.04
N SER B 143 -12.28 -6.77 1.95
CA SER B 143 -11.67 -7.88 1.18
C SER B 143 -10.58 -8.57 2.02
N ALA B 144 -10.47 -8.26 3.32
CA ALA B 144 -9.40 -8.77 4.20
C ALA B 144 -9.82 -10.03 4.97
N ALA B 145 -11.12 -10.32 5.08
CA ALA B 145 -11.63 -11.39 5.98
C ALA B 145 -11.00 -12.73 5.64
N LEU B 146 -10.93 -13.10 4.35
CA LEU B 146 -10.37 -14.42 3.95
C LEU B 146 -8.89 -14.52 4.29
N SER B 147 -8.14 -13.42 4.26
CA SER B 147 -6.71 -13.43 4.62
C SER B 147 -6.55 -13.68 6.14
N TYR B 148 -7.34 -13.03 6.96
CA TYR B 148 -7.39 -13.31 8.42
C TYR B 148 -7.78 -14.77 8.63
N ALA B 149 -8.80 -15.25 7.92
CA ALA B 149 -9.34 -16.63 8.09
C ALA B 149 -8.24 -17.66 7.79
N ASP B 150 -7.46 -17.49 6.72
CA ASP B 150 -6.33 -18.39 6.36
C ASP B 150 -5.34 -18.41 7.53
N GLY B 151 -4.93 -17.24 8.02
CA GLY B 151 -3.99 -17.11 9.15
C GLY B 151 -4.51 -17.77 10.41
N LEU B 152 -5.77 -17.55 10.74
CA LEU B 152 -6.35 -18.12 11.99
C LEU B 152 -6.42 -19.65 11.87
N ALA B 153 -6.84 -20.16 10.71
CA ALA B 153 -6.95 -21.62 10.46
C ALA B 153 -5.54 -22.25 10.60
N LYS B 154 -4.51 -21.60 10.05
CA LYS B 154 -3.09 -22.06 10.20
C LYS B 154 -2.72 -22.08 11.70
N ALA B 155 -3.04 -21.03 12.46
CA ALA B 155 -2.76 -20.92 13.92
C ALA B 155 -3.42 -22.10 14.65
N PHE B 156 -4.69 -22.38 14.38
CA PHE B 156 -5.44 -23.46 15.07
C PHE B 156 -4.74 -24.79 14.83
N GLU B 157 -4.30 -25.06 13.61
CA GLU B 157 -3.56 -26.29 13.28
C GLU B 157 -2.24 -26.30 14.05
N LEU B 158 -1.49 -25.20 14.03
CA LEU B 158 -0.16 -25.15 14.68
C LEU B 158 -0.31 -25.29 16.20
N THR B 159 -1.42 -24.85 16.78
CA THR B 159 -1.64 -24.92 18.25
C THR B 159 -2.46 -26.16 18.63
N GLY B 160 -2.87 -26.98 17.67
CA GLY B 160 -3.59 -28.25 17.91
C GLY B 160 -4.97 -28.02 18.50
N HIS B 161 -5.62 -26.89 18.24
CA HIS B 161 -7.05 -26.72 18.60
C HIS B 161 -7.89 -27.60 17.66
N ARG B 162 -8.74 -28.45 18.22
CA ARG B 162 -9.60 -29.37 17.44
C ARG B 162 -10.85 -28.64 16.94
N ASN B 163 -11.19 -28.84 15.67
CA ASN B 163 -12.57 -28.69 15.11
C ASN B 163 -13.02 -27.22 15.17
N ARG B 164 -12.10 -26.28 14.97
CA ARG B 164 -12.42 -24.83 14.84
C ARG B 164 -12.67 -24.54 13.35
N HIS B 165 -13.88 -24.13 13.02
CA HIS B 165 -14.28 -23.81 11.63
C HIS B 165 -14.27 -22.29 11.46
N VAL B 166 -13.36 -21.77 10.65
CA VAL B 166 -13.28 -20.30 10.43
C VAL B 166 -14.26 -19.97 9.32
N VAL B 167 -15.18 -19.06 9.61
CA VAL B 167 -16.23 -18.67 8.64
C VAL B 167 -15.98 -17.21 8.27
N ALA B 168 -15.79 -16.94 6.98
CA ALA B 168 -15.62 -15.57 6.44
C ALA B 168 -16.89 -15.18 5.71
N VAL B 169 -17.52 -14.09 6.13
CA VAL B 169 -18.72 -13.52 5.46
C VAL B 169 -18.24 -12.39 4.54
N VAL B 170 -18.26 -12.66 3.23
CA VAL B 170 -17.62 -11.79 2.21
C VAL B 170 -18.71 -11.27 1.28
N GLY B 171 -18.93 -9.95 1.26
CA GLY B 171 -19.86 -9.35 0.31
C GLY B 171 -19.41 -9.57 -1.12
N ASP B 172 -20.35 -9.54 -2.07
CA ASP B 172 -20.01 -9.57 -3.51
C ASP B 172 -19.06 -8.41 -3.84
N GLY B 173 -19.27 -7.22 -3.30
CA GLY B 173 -18.34 -6.08 -3.48
C GLY B 173 -16.93 -6.43 -3.00
N ALA B 174 -16.81 -6.87 -1.75
CA ALA B 174 -15.53 -7.28 -1.15
C ALA B 174 -14.87 -8.34 -2.04
N LEU B 175 -15.65 -9.22 -2.67
CA LEU B 175 -15.11 -10.34 -3.47
C LEU B 175 -14.47 -9.82 -4.77
N THR B 176 -14.69 -8.56 -5.15
CA THR B 176 -14.03 -7.96 -6.34
C THR B 176 -12.61 -7.51 -5.98
N GLY B 177 -12.19 -7.64 -4.72
CA GLY B 177 -10.88 -7.16 -4.25
C GLY B 177 -9.84 -8.24 -4.42
N GLY B 178 -8.64 -7.86 -4.84
CA GLY B 178 -7.52 -8.78 -5.08
C GLY B 178 -7.15 -9.60 -3.86
N MET B 179 -7.27 -9.05 -2.66
CA MET B 179 -6.90 -9.84 -1.44
C MET B 179 -7.70 -11.15 -1.41
N CYS B 180 -8.94 -11.16 -1.88
CA CYS B 180 -9.79 -12.40 -1.86
C CYS B 180 -9.15 -13.48 -2.73
N TRP B 181 -8.57 -13.10 -3.87
CA TRP B 181 -7.91 -14.06 -4.81
C TRP B 181 -6.66 -14.63 -4.18
N GLU B 182 -5.85 -13.78 -3.54
CA GLU B 182 -4.62 -14.25 -2.86
C GLU B 182 -5.04 -15.25 -1.78
N ALA B 183 -6.03 -14.90 -0.96
CA ALA B 183 -6.49 -15.72 0.18
C ALA B 183 -7.10 -17.04 -0.34
N LEU B 184 -7.94 -17.00 -1.38
CA LEU B 184 -8.59 -18.24 -1.88
C LEU B 184 -7.52 -19.19 -2.45
N ASN B 185 -6.51 -18.65 -3.12
CA ASN B 185 -5.40 -19.46 -3.68
CA ASN B 185 -5.36 -19.39 -3.66
C ASN B 185 -4.70 -20.19 -2.52
N ASN B 186 -4.40 -19.49 -1.43
CA ASN B 186 -3.75 -20.07 -0.23
C ASN B 186 -4.70 -21.09 0.43
N ILE B 187 -5.96 -20.72 0.62
CA ILE B 187 -6.96 -21.59 1.32
C ILE B 187 -7.12 -22.89 0.52
N ALA B 188 -7.14 -22.81 -0.82
CA ALA B 188 -7.38 -23.97 -1.70
C ALA B 188 -6.22 -24.99 -1.63
N ALA B 189 -5.04 -24.60 -1.13
CA ALA B 189 -3.84 -25.45 -1.00
C ALA B 189 -3.93 -26.38 0.23
N SER B 190 -4.96 -26.24 1.06
CA SER B 190 -5.04 -26.94 2.37
C SER B 190 -6.45 -27.46 2.63
N ARG B 191 -6.57 -28.55 3.41
CA ARG B 191 -7.88 -29.10 3.86
C ARG B 191 -8.36 -28.37 5.12
N ARG B 192 -7.56 -27.48 5.71
CA ARG B 192 -7.96 -26.70 6.91
C ARG B 192 -9.31 -26.06 6.62
N PRO B 193 -10.33 -26.24 7.51
CA PRO B 193 -11.69 -25.82 7.20
C PRO B 193 -11.85 -24.31 7.31
N VAL B 194 -11.90 -23.65 6.15
CA VAL B 194 -12.34 -22.24 6.00
C VAL B 194 -13.61 -22.28 5.17
N ILE B 195 -14.69 -21.70 5.70
CA ILE B 195 -15.98 -21.65 4.99
C ILE B 195 -16.15 -20.23 4.47
N ILE B 196 -16.21 -20.11 3.15
CA ILE B 196 -16.29 -18.81 2.42
C ILE B 196 -17.76 -18.55 2.12
N VAL B 197 -18.40 -17.72 2.94
CA VAL B 197 -19.84 -17.39 2.75
C VAL B 197 -19.91 -16.11 1.93
N VAL B 198 -20.28 -16.23 0.66
CA VAL B 198 -20.43 -15.04 -0.22
C VAL B 198 -21.83 -14.46 0.04
N ASN B 199 -21.88 -13.26 0.58
CA ASN B 199 -23.13 -12.50 0.81
C ASN B 199 -23.39 -11.64 -0.43
N ASP B 200 -24.08 -12.20 -1.42
CA ASP B 200 -24.21 -11.59 -2.77
C ASP B 200 -25.53 -10.82 -2.90
N ASN B 201 -25.49 -9.48 -2.85
CA ASN B 201 -26.70 -8.65 -3.06
C ASN B 201 -26.55 -7.84 -4.35
N GLY B 202 -25.67 -8.26 -5.24
CA GLY B 202 -25.44 -7.59 -6.54
C GLY B 202 -26.22 -8.26 -7.66
N ARG B 203 -26.86 -9.41 -7.41
CA ARG B 203 -27.75 -10.14 -8.37
C ARG B 203 -29.03 -10.54 -7.62
N SER B 204 -30.10 -10.86 -8.35
CA SER B 204 -31.47 -11.11 -7.81
C SER B 204 -31.90 -12.57 -8.05
C GLY B 222 -23.97 -4.70 -8.47
N GLY B 223 -22.67 -4.94 -8.71
CA GLY B 223 -21.57 -4.55 -7.80
C GLY B 223 -20.66 -5.71 -7.43
N GLY B 224 -20.93 -6.92 -7.94
CA GLY B 224 -20.14 -8.13 -7.63
C GLY B 224 -19.21 -8.54 -8.78
N PRO B 225 -18.51 -9.68 -8.65
CA PRO B 225 -17.57 -10.10 -9.68
C PRO B 225 -18.27 -10.43 -11.01
N GLN B 226 -17.61 -10.05 -12.11
CA GLN B 226 -17.91 -10.52 -13.47
C GLN B 226 -17.44 -11.96 -13.63
N LEU B 227 -16.32 -12.33 -13.00
CA LEU B 227 -15.76 -13.70 -13.08
C LEU B 227 -16.65 -14.70 -12.32
N LEU B 228 -16.70 -15.94 -12.82
CA LEU B 228 -17.41 -17.07 -12.17
C LEU B 228 -16.54 -17.57 -11.02
N PHE B 229 -17.15 -17.93 -9.89
CA PHE B 229 -16.40 -18.57 -8.77
C PHE B 229 -17.03 -19.94 -8.44
N THR B 230 -17.76 -20.52 -9.40
CA THR B 230 -18.37 -21.87 -9.31
C THR B 230 -17.36 -22.98 -9.62
N ASP B 231 -16.26 -22.68 -10.31
CA ASP B 231 -15.35 -23.72 -10.86
CA ASP B 231 -15.36 -23.70 -10.90
C ASP B 231 -13.89 -23.29 -10.70
N LEU B 232 -13.52 -22.89 -9.48
CA LEU B 232 -12.14 -22.45 -9.15
C LEU B 232 -11.31 -23.59 -8.58
N GLY B 233 -11.91 -24.78 -8.43
CA GLY B 233 -11.26 -25.92 -7.74
C GLY B 233 -11.70 -26.01 -6.29
N LEU B 234 -12.51 -25.06 -5.82
CA LEU B 234 -13.13 -25.08 -4.47
C LEU B 234 -14.57 -25.55 -4.61
N LYS B 235 -14.98 -26.47 -3.74
CA LYS B 235 -16.40 -26.89 -3.63
C LYS B 235 -17.28 -25.66 -3.56
N TYR B 236 -18.36 -25.65 -4.32
CA TYR B 236 -19.30 -24.53 -4.44
C TYR B 236 -20.70 -25.02 -4.10
N VAL B 237 -21.37 -24.37 -3.14
CA VAL B 237 -22.77 -24.66 -2.74
C VAL B 237 -23.62 -23.42 -3.04
N GLY B 238 -24.69 -23.60 -3.81
CA GLY B 238 -25.71 -22.57 -4.05
C GLY B 238 -25.97 -22.42 -5.55
N PRO B 239 -26.53 -21.29 -6.01
CA PRO B 239 -26.88 -20.16 -5.13
C PRO B 239 -28.02 -20.47 -4.14
N VAL B 240 -27.89 -19.94 -2.94
CA VAL B 240 -28.88 -20.10 -1.84
C VAL B 240 -29.69 -18.81 -1.71
N ASP B 241 -31.00 -18.94 -1.51
CA ASP B 241 -31.87 -17.81 -1.13
C ASP B 241 -31.53 -17.39 0.30
N GLY B 242 -30.84 -16.24 0.42
CA GLY B 242 -30.33 -15.73 1.70
C GLY B 242 -31.42 -15.24 2.62
N HIS B 243 -32.69 -15.18 2.18
CA HIS B 243 -33.85 -14.84 3.04
C HIS B 243 -34.69 -16.07 3.35
N ASP B 244 -34.20 -17.25 2.99
CA ASP B 244 -34.75 -18.56 3.43
C ASP B 244 -33.81 -19.08 4.51
N GLU B 245 -34.10 -18.78 5.76
CA GLU B 245 -33.18 -19.02 6.91
C GLU B 245 -32.84 -20.51 6.96
N ARG B 246 -33.83 -21.39 6.74
CA ARG B 246 -33.56 -22.85 6.79
C ARG B 246 -32.69 -23.27 5.60
N ALA B 247 -32.88 -22.71 4.40
CA ALA B 247 -32.04 -23.03 3.23
C ALA B 247 -30.59 -22.66 3.55
N VAL B 248 -30.37 -21.53 4.21
CA VAL B 248 -28.98 -21.10 4.51
C VAL B 248 -28.35 -22.11 5.50
N GLU B 249 -29.09 -22.49 6.54
CA GLU B 249 -28.60 -23.47 7.54
C GLU B 249 -28.23 -24.78 6.83
N VAL B 250 -29.08 -25.27 5.92
CA VAL B 250 -28.82 -26.55 5.21
C VAL B 250 -27.48 -26.42 4.46
N ALA B 251 -27.31 -25.32 3.71
CA ALA B 251 -26.07 -25.08 2.93
C ALA B 251 -24.88 -24.98 3.89
N LEU B 252 -25.00 -24.22 4.99
CA LEU B 252 -23.87 -24.04 5.94
C LEU B 252 -23.51 -25.39 6.58
N ARG B 253 -24.49 -26.24 6.86
CA ARG B 253 -24.24 -27.58 7.48
C ARG B 253 -23.50 -28.47 6.46
N SER B 254 -23.89 -28.45 5.19
CA SER B 254 -23.18 -29.22 4.12
C SER B 254 -21.72 -28.73 4.07
N ALA B 255 -21.49 -27.42 4.18
CA ALA B 255 -20.13 -26.82 4.19
C ALA B 255 -19.35 -27.27 5.43
N ARG B 256 -19.97 -27.20 6.61
CA ARG B 256 -19.33 -27.57 7.90
C ARG B 256 -18.86 -29.03 7.83
N ARG B 257 -19.63 -29.92 7.20
CA ARG B 257 -19.44 -31.41 7.21
CA ARG B 257 -19.37 -31.39 7.26
C ARG B 257 -18.47 -31.83 6.10
N PHE B 258 -18.30 -30.99 5.07
CA PHE B 258 -17.46 -31.33 3.88
C PHE B 258 -16.03 -31.64 4.37
N GLY B 259 -15.54 -30.93 5.38
CA GLY B 259 -14.22 -31.20 6.00
C GLY B 259 -13.05 -30.64 5.20
N ALA B 260 -13.29 -29.58 4.41
CA ALA B 260 -12.26 -28.86 3.63
C ALA B 260 -12.86 -27.51 3.26
N PRO B 261 -12.09 -26.57 2.68
CA PRO B 261 -12.68 -25.29 2.28
C PRO B 261 -13.90 -25.48 1.36
N VAL B 262 -14.89 -24.60 1.53
CA VAL B 262 -16.14 -24.60 0.73
C VAL B 262 -16.61 -23.15 0.57
N ILE B 263 -17.09 -22.83 -0.63
CA ILE B 263 -17.81 -21.56 -0.92
C ILE B 263 -19.29 -21.83 -0.77
N VAL B 264 -19.96 -21.07 0.09
CA VAL B 264 -21.45 -21.03 0.18
C VAL B 264 -21.92 -19.70 -0.38
N HIS B 265 -22.57 -19.76 -1.53
CA HIS B 265 -23.02 -18.57 -2.28
C HIS B 265 -24.46 -18.27 -1.86
N VAL B 266 -24.65 -17.20 -1.11
CA VAL B 266 -26.03 -16.81 -0.67
CA VAL B 266 -25.99 -16.78 -0.60
C VAL B 266 -26.38 -15.47 -1.33
N VAL B 267 -27.63 -15.35 -1.74
CA VAL B 267 -28.13 -14.16 -2.46
C VAL B 267 -29.08 -13.45 -1.52
N THR B 268 -28.78 -12.20 -1.20
CA THR B 268 -29.60 -11.37 -0.29
C THR B 268 -30.06 -10.14 -1.06
N ARG B 269 -31.06 -9.47 -0.51
CA ARG B 269 -31.58 -8.16 -1.02
CA ARG B 269 -31.55 -8.15 -1.04
C ARG B 269 -31.18 -7.07 -0.02
N LYS B 270 -30.37 -6.11 -0.45
CA LYS B 270 -30.04 -4.95 0.39
C LYS B 270 -31.36 -4.26 0.76
N GLY B 271 -31.56 -3.97 2.04
CA GLY B 271 -32.75 -3.27 2.56
C GLY B 271 -33.96 -4.17 2.68
N MET B 272 -33.80 -5.49 2.58
CA MET B 272 -34.92 -6.48 2.60
CA MET B 272 -34.93 -6.47 2.58
C MET B 272 -35.90 -6.14 3.72
N GLY B 273 -37.18 -5.99 3.40
CA GLY B 273 -38.26 -5.80 4.38
C GLY B 273 -38.53 -4.35 4.72
N TYR B 274 -37.79 -3.40 4.14
CA TYR B 274 -38.01 -1.95 4.36
C TYR B 274 -37.91 -1.21 3.02
N PRO B 275 -39.05 -0.88 2.39
CA PRO B 275 -39.08 -0.26 1.06
C PRO B 275 -38.12 0.90 0.81
N PRO B 276 -38.02 1.93 1.70
CA PRO B 276 -37.09 3.04 1.45
C PRO B 276 -35.63 2.59 1.28
N ALA B 277 -35.12 1.71 2.17
CA ALA B 277 -33.75 1.15 2.11
C ALA B 277 -33.57 0.28 0.87
N GLU B 278 -34.64 -0.36 0.38
CA GLU B 278 -34.67 -1.11 -0.92
C GLU B 278 -34.72 -0.10 -2.07
N PRO B 304 -24.47 22.78 0.99
CA PRO B 304 -23.36 22.81 0.02
C PRO B 304 -22.16 21.98 0.51
N GLY B 305 -21.96 20.81 -0.10
CA GLY B 305 -20.96 19.80 0.29
C GLY B 305 -19.66 19.95 -0.49
N TRP B 306 -18.55 19.54 0.10
CA TRP B 306 -17.24 19.46 -0.61
C TRP B 306 -17.41 18.55 -1.83
N THR B 307 -18.06 17.40 -1.64
CA THR B 307 -18.20 16.37 -2.71
C THR B 307 -18.95 16.98 -3.89
N ALA B 308 -20.04 17.70 -3.62
CA ALA B 308 -20.87 18.35 -4.67
C ALA B 308 -20.03 19.38 -5.43
N THR B 309 -19.18 20.16 -4.74
CA THR B 309 -18.27 21.15 -5.36
C THR B 309 -17.31 20.42 -6.33
N PHE B 310 -16.74 19.31 -5.88
CA PHE B 310 -15.82 18.50 -6.73
C PHE B 310 -16.57 18.02 -7.99
N SER B 311 -17.76 17.45 -7.80
CA SER B 311 -18.59 16.85 -8.88
C SER B 311 -18.82 17.91 -9.96
N ASP B 312 -19.32 19.07 -9.55
CA ASP B 312 -19.64 20.20 -10.47
CA ASP B 312 -19.63 20.21 -10.45
C ASP B 312 -18.37 20.66 -11.19
N ALA B 313 -17.26 20.85 -10.47
CA ALA B 313 -15.98 21.37 -11.03
C ALA B 313 -15.45 20.40 -12.09
N LEU B 314 -15.45 19.10 -11.76
CA LEU B 314 -14.96 18.04 -12.67
C LEU B 314 -15.78 18.05 -13.96
N ILE B 315 -17.12 18.07 -13.86
CA ILE B 315 -17.99 18.08 -15.06
C ILE B 315 -17.65 19.32 -15.91
N GLY B 316 -17.44 20.48 -15.27
CA GLY B 316 -17.10 21.74 -15.97
C GLY B 316 -15.83 21.60 -16.79
N TYR B 317 -14.78 21.00 -16.21
CA TYR B 317 -13.47 20.83 -16.87
C TYR B 317 -13.62 19.80 -18.00
N ALA B 318 -14.35 18.71 -17.74
CA ALA B 318 -14.53 17.60 -18.69
C ALA B 318 -15.41 18.02 -19.88
N GLN B 319 -16.29 19.01 -19.73
CA GLN B 319 -17.10 19.57 -20.86
C GLN B 319 -16.16 20.04 -21.98
N LYS B 320 -15.03 20.64 -21.61
CA LYS B 320 -14.07 21.31 -22.52
C LYS B 320 -12.97 20.35 -22.98
N ARG B 321 -12.68 19.30 -22.21
CA ARG B 321 -11.51 18.42 -22.45
C ARG B 321 -11.98 16.97 -22.49
N ARG B 322 -11.92 16.37 -23.67
CA ARG B 322 -12.46 15.00 -23.89
C ARG B 322 -11.48 13.97 -23.31
N ASP B 323 -10.24 14.37 -22.97
CA ASP B 323 -9.18 13.45 -22.48
C ASP B 323 -9.34 13.17 -20.98
N ILE B 324 -10.23 13.89 -20.28
CA ILE B 324 -10.48 13.62 -18.83
C ILE B 324 -11.41 12.41 -18.70
N VAL B 325 -10.98 11.42 -17.92
CA VAL B 325 -11.79 10.22 -17.56
C VAL B 325 -11.80 10.12 -16.04
N ALA B 326 -12.82 9.48 -15.49
CA ALA B 326 -12.96 9.37 -14.02
C ALA B 326 -13.01 7.89 -13.68
N ILE B 327 -12.42 7.54 -12.53
CA ILE B 327 -12.35 6.14 -12.03
C ILE B 327 -12.78 6.20 -10.56
N THR B 328 -13.64 5.26 -10.16
CA THR B 328 -14.00 5.00 -8.75
C THR B 328 -13.77 3.52 -8.47
N ALA B 329 -13.38 3.21 -7.24
CA ALA B 329 -13.40 1.83 -6.74
C ALA B 329 -14.74 1.63 -6.00
N ALA B 330 -15.81 1.42 -6.78
CA ALA B 330 -17.14 0.94 -6.33
C ALA B 330 -17.88 2.02 -5.52
N MET B 331 -17.56 3.30 -5.69
CA MET B 331 -18.21 4.38 -4.91
C MET B 331 -18.57 5.57 -5.81
N PRO B 332 -19.24 5.35 -6.97
CA PRO B 332 -19.57 6.44 -7.88
C PRO B 332 -20.43 7.52 -7.21
N GLY B 333 -21.43 7.12 -6.42
CA GLY B 333 -22.35 8.07 -5.76
C GLY B 333 -21.61 8.90 -4.71
N PRO B 334 -21.03 8.24 -3.67
CA PRO B 334 -20.36 8.97 -2.60
C PRO B 334 -19.17 9.83 -3.02
N THR B 335 -18.47 9.50 -4.11
CA THR B 335 -17.32 10.31 -4.62
C THR B 335 -17.80 11.48 -5.49
N GLY B 336 -19.10 11.54 -5.80
CA GLY B 336 -19.69 12.58 -6.68
C GLY B 336 -19.45 12.31 -8.15
N LEU B 337 -19.15 11.08 -8.53
CA LEU B 337 -18.84 10.72 -9.94
C LEU B 337 -20.09 10.25 -10.67
N THR B 338 -21.18 9.90 -9.97
CA THR B 338 -22.44 9.50 -10.64
C THR B 338 -22.87 10.57 -11.66
N ALA B 339 -22.87 11.86 -11.30
CA ALA B 339 -23.33 12.96 -12.18
C ALA B 339 -22.39 13.07 -13.40
N PHE B 340 -21.09 12.84 -13.20
CA PHE B 340 -20.07 12.83 -14.29
C PHE B 340 -20.42 11.73 -15.30
N GLY B 341 -20.68 10.52 -14.81
CA GLY B 341 -21.09 9.37 -15.62
C GLY B 341 -22.35 9.69 -16.43
N GLN B 342 -23.34 10.36 -15.83
CA GLN B 342 -24.61 10.67 -16.54
C GLN B 342 -24.30 11.57 -17.74
N ARG B 343 -23.39 12.54 -17.60
CA ARG B 343 -22.95 13.45 -18.70
C ARG B 343 -22.05 12.72 -19.70
N PHE B 344 -21.12 11.88 -19.21
CA PHE B 344 -20.03 11.27 -20.01
C PHE B 344 -19.94 9.79 -19.67
N PRO B 345 -20.95 8.98 -20.04
CA PRO B 345 -21.03 7.60 -19.56
C PRO B 345 -19.89 6.70 -20.02
N ASP B 346 -19.27 7.02 -21.16
CA ASP B 346 -18.10 6.28 -21.71
C ASP B 346 -16.82 6.61 -20.92
N ARG B 347 -16.81 7.65 -20.08
CA ARG B 347 -15.59 8.19 -19.45
C ARG B 347 -15.60 7.97 -17.92
N LEU B 348 -16.58 7.23 -17.40
CA LEU B 348 -16.59 6.85 -15.97
C LEU B 348 -16.40 5.32 -15.88
N PHE B 349 -15.35 4.91 -15.18
CA PHE B 349 -15.04 3.49 -14.92
C PHE B 349 -15.22 3.21 -13.43
N ASP B 350 -16.00 2.18 -13.12
CA ASP B 350 -16.16 1.64 -11.75
C ASP B 350 -15.47 0.28 -11.75
N VAL B 351 -14.34 0.16 -11.04
CA VAL B 351 -13.47 -1.04 -11.15
C VAL B 351 -13.77 -2.05 -10.05
N GLY B 352 -14.84 -1.85 -9.30
CA GLY B 352 -15.11 -2.71 -8.13
C GLY B 352 -14.36 -2.20 -6.93
N ILE B 353 -14.27 -2.99 -5.85
CA ILE B 353 -13.49 -2.55 -4.65
C ILE B 353 -12.03 -2.92 -4.91
N ALA B 354 -11.40 -2.16 -5.80
CA ALA B 354 -10.13 -2.53 -6.44
C ALA B 354 -9.28 -1.28 -6.61
N GLU B 355 -8.94 -0.64 -5.48
CA GLU B 355 -8.10 0.59 -5.45
C GLU B 355 -6.79 0.36 -6.22
N GLN B 356 -6.15 -0.82 -6.09
CA GLN B 356 -4.90 -1.14 -6.83
CA GLN B 356 -4.89 -1.11 -6.83
C GLN B 356 -5.16 -1.07 -8.34
N HIS B 357 -6.19 -1.76 -8.83
CA HIS B 357 -6.53 -1.76 -10.27
C HIS B 357 -6.93 -0.35 -10.72
N ALA B 358 -7.67 0.39 -9.90
CA ALA B 358 -8.06 1.78 -10.22
C ALA B 358 -6.80 2.57 -10.61
N MET B 359 -5.76 2.50 -9.79
CA MET B 359 -4.52 3.31 -9.99
C MET B 359 -3.72 2.79 -11.19
N THR B 360 -3.55 1.48 -11.34
CA THR B 360 -2.72 0.93 -12.43
C THR B 360 -3.47 1.00 -13.78
N SER B 361 -4.79 0.80 -13.79
CA SER B 361 -5.57 1.01 -15.03
C SER B 361 -5.56 2.52 -15.36
N ALA B 362 -5.49 3.39 -14.35
CA ALA B 362 -5.31 4.84 -14.56
C ALA B 362 -3.96 5.04 -15.27
N ALA B 363 -2.91 4.37 -14.83
CA ALA B 363 -1.58 4.47 -15.50
C ALA B 363 -1.73 4.01 -16.96
N GLY B 364 -2.41 2.90 -17.21
CA GLY B 364 -2.67 2.44 -18.59
C GLY B 364 -3.43 3.48 -19.42
N LEU B 365 -4.47 4.10 -18.86
CA LEU B 365 -5.24 5.14 -19.59
C LEU B 365 -4.31 6.32 -19.94
N ALA B 366 -3.44 6.72 -19.01
CA ALA B 366 -2.46 7.81 -19.22
C ALA B 366 -1.45 7.42 -20.30
N MET B 367 -1.02 6.16 -20.33
CA MET B 367 -0.08 5.68 -21.38
C MET B 367 -0.75 5.76 -22.76
N GLY B 368 -2.09 5.73 -22.81
CA GLY B 368 -2.91 5.85 -24.02
C GLY B 368 -3.32 7.29 -24.35
N GLY B 369 -2.78 8.28 -23.61
CA GLY B 369 -2.91 9.72 -23.89
C GLY B 369 -3.99 10.40 -23.06
N LEU B 370 -4.61 9.73 -22.09
CA LEU B 370 -5.72 10.36 -21.34
C LEU B 370 -5.20 10.92 -20.01
N HIS B 371 -6.04 11.72 -19.34
CA HIS B 371 -5.75 12.34 -18.04
C HIS B 371 -6.79 11.84 -17.05
N PRO B 372 -6.54 10.66 -16.43
CA PRO B 372 -7.51 10.11 -15.49
C PRO B 372 -7.60 10.89 -14.18
N VAL B 373 -8.81 10.91 -13.63
CA VAL B 373 -9.11 11.47 -12.29
C VAL B 373 -9.64 10.29 -11.47
N VAL B 374 -8.84 9.86 -10.51
CA VAL B 374 -9.13 8.68 -9.67
C VAL B 374 -9.63 9.22 -8.33
N ALA B 375 -10.94 9.08 -8.07
CA ALA B 375 -11.56 9.56 -6.82
C ALA B 375 -11.65 8.37 -5.89
N ILE B 376 -10.83 8.36 -4.84
CA ILE B 376 -10.81 7.29 -3.80
C ILE B 376 -10.70 8.00 -2.46
N TYR B 377 -11.53 7.61 -1.49
CA TYR B 377 -11.46 8.16 -0.13
C TYR B 377 -10.04 7.99 0.42
N SER B 378 -9.58 9.02 1.14
CA SER B 378 -8.19 9.13 1.65
C SER B 378 -7.73 7.82 2.28
N THR B 379 -8.44 7.28 3.28
CA THR B 379 -8.01 6.06 4.02
C THR B 379 -7.82 4.88 3.05
N PHE B 380 -8.72 4.69 2.09
CA PHE B 380 -8.69 3.53 1.17
C PHE B 380 -7.49 3.63 0.19
N LEU B 381 -6.98 4.84 -0.05
CA LEU B 381 -5.82 5.03 -0.96
C LEU B 381 -4.56 4.35 -0.41
N ASN B 382 -4.48 4.04 0.90
CA ASN B 382 -3.37 3.21 1.44
C ASN B 382 -3.17 1.95 0.59
N ARG B 383 -4.26 1.34 0.11
CA ARG B 383 -4.20 0.08 -0.68
C ARG B 383 -3.41 0.31 -1.99
N ALA B 384 -3.37 1.53 -2.53
CA ALA B 384 -2.83 1.82 -3.88
C ALA B 384 -1.43 2.43 -3.80
N PHE B 385 -0.77 2.39 -2.65
CA PHE B 385 0.54 3.07 -2.44
C PHE B 385 1.55 2.64 -3.52
N ASP B 386 1.75 1.34 -3.70
CA ASP B 386 2.79 0.82 -4.63
C ASP B 386 2.42 1.11 -6.08
N GLN B 387 1.13 1.24 -6.38
CA GLN B 387 0.66 1.51 -7.76
C GLN B 387 0.89 2.99 -8.06
N ILE B 388 0.62 3.87 -7.08
CA ILE B 388 0.97 5.32 -7.21
C ILE B 388 2.48 5.41 -7.46
N MET B 389 3.27 4.63 -6.73
CA MET B 389 4.75 4.71 -6.79
C MET B 389 5.25 4.18 -8.14
N MET B 390 5.04 2.91 -8.41
CA MET B 390 5.75 2.17 -9.49
C MET B 390 4.97 2.20 -10.81
N ASP B 391 3.64 2.41 -10.82
CA ASP B 391 2.87 2.37 -12.09
C ASP B 391 2.60 3.80 -12.58
N VAL B 392 2.27 4.74 -11.68
CA VAL B 392 1.98 6.15 -12.06
C VAL B 392 3.26 6.98 -11.98
N ALA B 393 3.86 7.16 -10.80
CA ALA B 393 4.96 8.12 -10.57
C ALA B 393 6.23 7.72 -11.34
N LEU B 394 6.57 6.44 -11.34
CA LEU B 394 7.81 5.95 -12.00
C LEU B 394 7.77 6.31 -13.50
N HIS B 395 6.59 6.27 -14.11
CA HIS B 395 6.37 6.55 -15.56
C HIS B 395 6.04 8.04 -15.81
N LYS B 396 6.04 8.88 -14.77
CA LYS B 396 5.77 10.34 -14.89
C LYS B 396 4.41 10.59 -15.56
N LEU B 397 3.37 9.86 -15.18
CA LEU B 397 2.07 9.88 -15.90
C LEU B 397 1.13 10.89 -15.25
N PRO B 398 0.33 11.60 -16.06
CA PRO B 398 -0.60 12.62 -15.54
C PRO B 398 -1.94 12.03 -15.04
N VAL B 399 -1.88 11.41 -13.87
CA VAL B 399 -3.06 10.90 -13.11
C VAL B 399 -3.30 11.88 -11.97
N THR B 400 -4.52 12.40 -11.87
CA THR B 400 -4.99 13.21 -10.72
C THR B 400 -5.76 12.27 -9.79
N MET B 401 -5.36 12.21 -8.53
CA MET B 401 -6.09 11.48 -7.46
C MET B 401 -6.88 12.49 -6.65
N VAL B 402 -8.15 12.21 -6.38
CA VAL B 402 -9.02 13.09 -5.56
C VAL B 402 -9.44 12.31 -4.33
N LEU B 403 -8.99 12.77 -3.17
CA LEU B 403 -9.15 12.09 -1.87
C LEU B 403 -10.16 12.85 -1.03
N ASP B 404 -11.41 12.40 -1.11
CA ASP B 404 -12.52 12.84 -0.23
C ASP B 404 -12.33 12.16 1.14
N ARG B 405 -13.10 12.59 2.14
CA ARG B 405 -13.00 12.05 3.52
C ARG B 405 -11.53 12.17 4.00
N ALA B 406 -10.83 13.24 3.65
CA ALA B 406 -9.47 13.52 4.13
C ALA B 406 -9.56 14.20 5.49
N GLY B 407 -8.68 13.82 6.39
CA GLY B 407 -8.69 14.26 7.79
C GLY B 407 -9.70 13.49 8.60
N ILE B 408 -9.96 13.95 9.82
CA ILE B 408 -10.84 13.23 10.77
C ILE B 408 -12.24 13.13 10.16
N THR B 409 -12.77 11.91 10.13
CA THR B 409 -14.18 11.65 9.77
C THR B 409 -14.96 11.35 11.06
N GLY B 410 -14.33 10.71 12.05
CA GLY B 410 -14.89 10.57 13.40
C GLY B 410 -15.71 9.30 13.62
N SER B 411 -16.97 9.30 13.18
CA SER B 411 -18.02 8.36 13.64
CA SER B 411 -18.02 8.35 13.65
C SER B 411 -17.75 6.92 13.18
N ASP B 412 -16.94 6.73 12.13
CA ASP B 412 -16.62 5.37 11.60
C ASP B 412 -15.30 4.86 12.17
N GLY B 413 -14.71 5.57 13.15
CA GLY B 413 -13.60 5.03 13.94
C GLY B 413 -12.27 5.04 13.20
N ALA B 414 -11.31 4.33 13.79
CA ALA B 414 -9.86 4.42 13.48
C ALA B 414 -9.56 4.14 12.01
N SER B 415 -10.26 3.19 11.38
CA SER B 415 -9.93 2.67 10.04
C SER B 415 -10.56 3.54 8.95
N HIS B 416 -11.29 4.60 9.31
CA HIS B 416 -11.97 5.49 8.34
C HIS B 416 -11.30 6.88 8.27
N ASN B 417 -10.78 7.39 9.38
CA ASN B 417 -10.13 8.74 9.39
C ASN B 417 -9.11 8.85 8.25
N GLY B 418 -9.20 9.88 7.42
CA GLY B 418 -8.29 10.06 6.28
C GLY B 418 -7.02 10.78 6.73
N MET B 419 -6.24 10.16 7.63
CA MET B 419 -5.16 10.89 8.34
C MET B 419 -3.77 10.41 7.90
N TRP B 420 -3.67 9.65 6.80
CA TRP B 420 -2.38 9.05 6.33
C TRP B 420 -1.90 9.70 5.02
N ASP B 421 -2.78 10.37 4.26
CA ASP B 421 -2.49 10.64 2.82
C ASP B 421 -1.34 11.65 2.67
N LEU B 422 -1.21 12.69 3.50
CA LEU B 422 -0.11 13.67 3.27
C LEU B 422 1.24 13.00 3.56
N SER B 423 1.27 12.09 4.53
CA SER B 423 2.49 11.33 4.92
C SER B 423 2.82 10.30 3.83
N MET B 424 1.83 9.56 3.36
CA MET B 424 2.05 8.53 2.31
C MET B 424 2.46 9.21 1.00
N LEU B 425 1.73 10.22 0.55
CA LEU B 425 1.99 10.84 -0.79
C LEU B 425 3.33 11.57 -0.78
N GLY B 426 3.78 12.07 0.37
CA GLY B 426 5.09 12.76 0.48
C GLY B 426 6.25 11.87 0.07
N ILE B 427 6.09 10.54 0.12
CA ILE B 427 7.15 9.56 -0.24
C ILE B 427 7.29 9.50 -1.78
N VAL B 428 6.27 9.90 -2.53
CA VAL B 428 6.19 9.64 -3.99
C VAL B 428 7.07 10.64 -4.74
N PRO B 429 8.15 10.20 -5.43
CA PRO B 429 9.00 11.14 -6.16
C PRO B 429 8.18 11.99 -7.13
N GLY B 430 8.36 13.32 -7.06
CA GLY B 430 7.86 14.25 -8.09
C GLY B 430 6.40 14.61 -7.88
N ILE B 431 5.74 14.10 -6.83
CA ILE B 431 4.26 14.28 -6.73
C ILE B 431 3.97 15.73 -6.35
N ARG B 432 2.82 16.24 -6.77
CA ARG B 432 2.28 17.56 -6.35
C ARG B 432 0.95 17.29 -5.65
N VAL B 433 0.78 17.79 -4.43
CA VAL B 433 -0.42 17.53 -3.59
C VAL B 433 -1.03 18.87 -3.18
N ALA B 434 -2.31 19.06 -3.47
CA ALA B 434 -3.10 20.25 -3.07
C ALA B 434 -4.07 19.88 -1.94
N ALA B 435 -4.33 20.83 -1.04
CA ALA B 435 -5.34 20.70 0.03
C ALA B 435 -6.23 21.95 -0.02
N PRO B 436 -7.38 21.86 -0.72
CA PRO B 436 -8.32 22.98 -0.80
C PRO B 436 -8.78 23.50 0.57
N ARG B 437 -8.81 24.83 0.74
CA ARG B 437 -9.25 25.49 2.00
C ARG B 437 -10.74 25.81 1.89
N ASP B 438 -11.30 25.84 0.69
CA ASP B 438 -12.70 26.23 0.45
C ASP B 438 -13.13 25.78 -0.94
N ALA B 439 -14.38 26.06 -1.33
CA ALA B 439 -14.96 25.63 -2.63
C ALA B 439 -14.20 26.24 -3.80
N THR B 440 -13.89 27.55 -3.78
CA THR B 440 -13.19 28.24 -4.88
C THR B 440 -11.79 27.64 -5.06
N ARG B 441 -11.07 27.35 -3.97
CA ARG B 441 -9.72 26.73 -4.03
C ARG B 441 -9.83 25.27 -4.49
N LEU B 442 -10.92 24.56 -4.17
CA LEU B 442 -11.13 23.19 -4.74
C LEU B 442 -11.23 23.31 -6.27
N ARG B 443 -12.09 24.21 -6.77
CA ARG B 443 -12.26 24.42 -8.23
CA ARG B 443 -12.26 24.41 -8.23
C ARG B 443 -10.91 24.79 -8.85
N GLU B 444 -10.20 25.73 -8.24
CA GLU B 444 -8.93 26.29 -8.78
C GLU B 444 -7.87 25.18 -8.83
N GLU B 445 -7.70 24.47 -7.72
CA GLU B 445 -6.60 23.48 -7.57
C GLU B 445 -6.88 22.27 -8.46
N LEU B 446 -8.15 21.89 -8.64
CA LEU B 446 -8.52 20.81 -9.60
C LEU B 446 -8.11 21.23 -11.02
N GLY B 447 -8.42 22.48 -11.42
CA GLY B 447 -7.99 23.04 -12.71
C GLY B 447 -6.48 22.97 -12.89
N GLU B 448 -5.72 23.36 -11.87
CA GLU B 448 -4.23 23.30 -11.91
C GLU B 448 -3.76 21.85 -12.03
N ALA B 449 -4.35 20.94 -11.25
CA ALA B 449 -3.98 19.49 -11.28
C ALA B 449 -4.16 18.95 -12.70
N LEU B 450 -5.27 19.28 -13.35
CA LEU B 450 -5.60 18.78 -14.69
C LEU B 450 -4.64 19.36 -15.75
N ASP B 451 -3.95 20.46 -15.44
CA ASP B 451 -2.94 21.07 -16.37
C ASP B 451 -1.52 20.52 -16.10
N VAL B 452 -1.32 19.72 -15.05
CA VAL B 452 -0.02 19.02 -14.83
C VAL B 452 0.00 17.76 -15.72
N ASP B 453 0.84 17.74 -16.75
CA ASP B 453 0.82 16.67 -17.77
C ASP B 453 2.06 15.76 -17.63
N ASP B 454 2.90 15.94 -16.62
CA ASP B 454 4.23 15.28 -16.55
C ASP B 454 4.40 14.53 -15.23
N GLY B 455 3.31 14.24 -14.52
CA GLY B 455 3.39 13.44 -13.30
C GLY B 455 2.11 13.52 -12.51
N PRO B 456 2.02 12.68 -11.45
CA PRO B 456 0.83 12.60 -10.63
C PRO B 456 0.55 13.87 -9.83
N THR B 457 -0.74 14.12 -9.65
CA THR B 457 -1.27 15.19 -8.76
C THR B 457 -2.32 14.57 -7.84
N ALA B 458 -2.56 15.22 -6.71
CA ALA B 458 -3.56 14.78 -5.72
C ALA B 458 -4.17 16.02 -5.12
N LEU B 459 -5.48 15.95 -4.90
CA LEU B 459 -6.27 16.91 -4.09
C LEU B 459 -6.85 16.12 -2.92
N ARG B 460 -6.82 16.69 -1.71
CA ARG B 460 -7.43 16.03 -0.52
C ARG B 460 -8.33 17.05 0.19
N PHE B 461 -9.53 16.64 0.56
CA PHE B 461 -10.52 17.54 1.21
C PHE B 461 -11.42 16.70 2.12
N PRO B 462 -12.02 17.34 3.15
CA PRO B 462 -12.77 16.62 4.16
C PRO B 462 -14.19 16.22 3.76
N LYS B 463 -14.77 15.34 4.58
CA LYS B 463 -16.20 14.97 4.52
C LYS B 463 -17.03 16.19 4.93
N GLY B 464 -18.23 16.32 4.39
CA GLY B 464 -19.25 17.22 4.96
C GLY B 464 -19.39 18.52 4.19
N ASP B 465 -19.92 19.54 4.85
CA ASP B 465 -20.29 20.81 4.18
C ASP B 465 -19.07 21.72 4.13
N VAL B 466 -18.96 22.47 3.04
CA VAL B 466 -17.89 23.47 2.86
C VAL B 466 -18.48 24.81 3.35
N GLY B 467 -17.72 25.52 4.18
CA GLY B 467 -18.13 26.83 4.69
C GLY B 467 -17.96 27.89 3.63
N GLU B 468 -17.98 29.16 4.05
CA GLU B 468 -17.80 30.34 3.17
C GLU B 468 -16.38 30.33 2.62
N ASP B 469 -16.20 30.83 1.40
CA ASP B 469 -14.86 31.15 0.83
C ASP B 469 -14.09 32.02 1.82
N ILE B 470 -12.78 31.80 1.90
CA ILE B 470 -11.81 32.56 2.71
C ILE B 470 -10.90 33.29 1.72
N SER B 471 -11.04 34.60 1.61
CA SER B 471 -10.28 35.42 0.63
C SER B 471 -8.83 35.60 1.08
N ALA B 472 -7.92 35.64 0.13
CA ALA B 472 -6.49 35.98 0.36
C ALA B 472 -6.33 37.51 0.31
N LEU B 473 -5.44 38.06 1.14
CA LEU B 473 -4.94 39.45 1.05
C LEU B 473 -4.05 39.57 -0.19
N GLU B 474 -3.30 38.51 -0.51
CA GLU B 474 -2.41 38.45 -1.70
C GLU B 474 -1.89 37.01 -1.89
N ARG B 475 -1.37 36.75 -3.08
CA ARG B 475 -0.69 35.47 -3.45
C ARG B 475 0.78 35.78 -3.70
N ARG B 476 1.67 35.06 -3.01
CA ARG B 476 3.15 35.19 -3.12
C ARG B 476 3.74 33.81 -3.46
N GLY B 477 4.21 33.65 -4.70
CA GLY B 477 4.78 32.37 -5.19
C GLY B 477 3.85 31.21 -4.90
N GLY B 478 2.60 31.33 -5.32
CA GLY B 478 1.57 30.28 -5.20
C GLY B 478 0.94 30.19 -3.82
N VAL B 479 1.49 30.90 -2.82
CA VAL B 479 1.03 30.88 -1.41
C VAL B 479 -0.03 31.98 -1.22
N ASP B 480 -1.18 31.65 -0.64
CA ASP B 480 -2.23 32.65 -0.30
C ASP B 480 -1.97 33.15 1.11
N VAL B 481 -1.72 34.45 1.26
CA VAL B 481 -1.65 35.12 2.58
C VAL B 481 -3.10 35.38 3.00
N LEU B 482 -3.57 34.73 4.06
CA LEU B 482 -4.97 34.85 4.54
C LEU B 482 -5.06 35.95 5.60
N ALA B 483 -4.00 36.15 6.37
CA ALA B 483 -3.97 37.16 7.44
C ALA B 483 -2.53 37.64 7.62
N ALA B 484 -2.34 38.92 7.94
CA ALA B 484 -0.99 39.49 8.17
C ALA B 484 -1.02 40.27 9.48
N PRO B 485 0.13 40.45 10.16
CA PRO B 485 0.12 41.08 11.48
C PRO B 485 -0.46 42.50 11.39
N ALA B 486 -1.23 42.90 12.39
CA ALA B 486 -1.75 44.28 12.58
C ALA B 486 -0.58 45.26 12.61
N ASP B 487 -0.76 46.47 12.06
CA ASP B 487 0.24 47.55 12.23
C ASP B 487 0.46 47.72 13.74
N GLY B 488 1.71 47.84 14.16
CA GLY B 488 2.09 47.95 15.58
C GLY B 488 2.47 46.60 16.15
N LEU B 489 2.18 45.50 15.43
CA LEU B 489 2.65 44.13 15.78
C LEU B 489 3.71 43.69 14.77
N ASN B 490 4.42 42.60 15.10
CA ASN B 490 5.63 42.17 14.36
C ASN B 490 5.33 40.80 13.73
N HIS B 491 6.21 40.39 12.82
CA HIS B 491 6.12 39.06 12.13
C HIS B 491 6.65 38.01 13.09
N ASP B 492 5.82 37.57 14.03
CA ASP B 492 6.27 36.63 15.10
C ASP B 492 6.12 35.19 14.58
N VAL B 493 4.91 34.83 14.15
CA VAL B 493 4.58 33.41 13.82
C VAL B 493 4.10 33.35 12.38
N LEU B 494 4.66 32.43 11.62
CA LEU B 494 4.11 32.02 10.31
C LEU B 494 3.27 30.76 10.58
N LEU B 495 1.95 30.91 10.47
CA LEU B 495 0.99 29.80 10.68
C LEU B 495 0.61 29.25 9.30
N VAL B 496 1.18 28.08 8.97
CA VAL B 496 0.96 27.40 7.67
C VAL B 496 -0.30 26.53 7.84
N ALA B 497 -1.43 27.03 7.35
CA ALA B 497 -2.76 26.38 7.51
C ALA B 497 -2.98 25.42 6.34
N ILE B 498 -2.98 24.12 6.62
CA ILE B 498 -3.20 23.08 5.59
C ILE B 498 -4.70 22.90 5.40
N GLY B 499 -5.19 23.08 4.17
CA GLY B 499 -6.54 22.71 3.74
C GLY B 499 -7.65 23.20 4.67
N ALA B 500 -8.40 22.25 5.22
CA ALA B 500 -9.67 22.53 5.93
C ALA B 500 -9.41 23.14 7.31
N PHE B 501 -8.15 23.29 7.74
CA PHE B 501 -7.82 23.95 9.04
C PHE B 501 -7.57 25.46 8.87
N ALA B 502 -7.86 26.05 7.71
CA ALA B 502 -7.74 27.52 7.51
C ALA B 502 -8.63 28.28 8.50
N PRO B 503 -9.92 27.90 8.70
CA PRO B 503 -10.75 28.59 9.70
C PRO B 503 -10.15 28.54 11.12
N MET B 504 -9.67 27.38 11.55
CA MET B 504 -9.03 27.21 12.88
C MET B 504 -7.80 28.13 12.95
N ALA B 505 -6.99 28.19 11.89
CA ALA B 505 -5.73 28.98 11.91
C ALA B 505 -6.07 30.49 12.03
N LEU B 506 -7.10 30.95 11.31
CA LEU B 506 -7.51 32.37 11.37
C LEU B 506 -7.99 32.71 12.78
N ALA B 507 -8.76 31.82 13.41
CA ALA B 507 -9.19 31.98 14.82
C ALA B 507 -7.97 32.01 15.75
N VAL B 508 -6.99 31.12 15.54
CA VAL B 508 -5.74 31.10 16.35
C VAL B 508 -5.04 32.45 16.21
N ALA B 509 -4.88 32.96 14.98
CA ALA B 509 -4.13 34.20 14.70
C ALA B 509 -4.79 35.37 15.45
N LYS B 510 -6.12 35.40 15.53
CA LYS B 510 -6.86 36.46 16.27
C LYS B 510 -6.64 36.34 17.77
N ARG B 511 -6.63 35.12 18.31
CA ARG B 511 -6.36 34.93 19.76
C ARG B 511 -4.93 35.42 20.07
N LEU B 512 -4.01 35.18 19.16
CA LEU B 512 -2.59 35.58 19.35
C LEU B 512 -2.48 37.11 19.19
N HIS B 513 -3.21 37.70 18.26
CA HIS B 513 -3.30 39.18 18.11
C HIS B 513 -3.65 39.80 19.47
N ASN B 514 -4.61 39.20 20.19
CA ASN B 514 -5.07 39.69 21.53
C ASN B 514 -3.91 39.70 22.52
N GLN B 515 -2.89 38.85 22.31
CA GLN B 515 -1.72 38.73 23.22
CA GLN B 515 -1.70 38.69 23.20
C GLN B 515 -0.55 39.57 22.70
N GLY B 516 -0.77 40.35 21.63
CA GLY B 516 0.29 41.16 21.01
C GLY B 516 1.26 40.32 20.18
N ILE B 517 0.87 39.10 19.80
CA ILE B 517 1.71 38.20 18.96
C ILE B 517 1.20 38.34 17.52
N GLY B 518 2.07 38.78 16.62
CA GLY B 518 1.73 39.06 15.22
C GLY B 518 1.85 37.79 14.40
N VAL B 519 0.78 37.42 13.70
CA VAL B 519 0.72 36.14 12.94
C VAL B 519 0.44 36.43 11.47
N THR B 520 1.24 35.83 10.59
CA THR B 520 0.92 35.67 9.16
C THR B 520 0.33 34.25 8.99
N VAL B 521 -0.93 34.16 8.55
CA VAL B 521 -1.57 32.86 8.21
C VAL B 521 -1.45 32.69 6.70
N ILE B 522 -0.90 31.55 6.26
CA ILE B 522 -0.85 31.23 4.81
C ILE B 522 -1.57 29.91 4.55
N ASP B 523 -2.19 29.83 3.38
CA ASP B 523 -2.61 28.55 2.75
C ASP B 523 -1.63 28.31 1.62
N PRO B 524 -0.77 27.28 1.69
CA PRO B 524 0.22 27.05 0.63
C PRO B 524 -0.44 26.55 -0.65
N ARG B 525 -1.70 26.10 -0.57
CA ARG B 525 -2.51 25.53 -1.67
C ARG B 525 -1.88 24.19 -2.09
N TRP B 526 -0.73 24.25 -2.75
CA TRP B 526 0.08 23.06 -3.15
C TRP B 526 1.08 22.79 -2.01
N VAL B 527 0.68 21.91 -1.10
CA VAL B 527 1.39 21.58 0.17
C VAL B 527 2.70 20.86 -0.16
N LEU B 528 2.68 19.99 -1.18
CA LEU B 528 3.89 19.26 -1.64
C LEU B 528 4.04 19.47 -3.14
N PRO B 529 5.28 19.71 -3.65
CA PRO B 529 6.45 19.96 -2.81
C PRO B 529 6.33 21.31 -2.11
N VAL B 530 7.06 21.53 -1.02
CA VAL B 530 7.01 22.81 -0.26
C VAL B 530 7.51 23.92 -1.19
N SER B 531 6.78 25.02 -1.30
CA SER B 531 7.05 26.08 -2.31
C SER B 531 8.06 27.13 -1.80
N ASP B 532 8.65 27.85 -2.75
CA ASP B 532 9.53 29.03 -2.51
C ASP B 532 8.79 30.00 -1.58
N GLY B 533 7.49 30.18 -1.80
CA GLY B 533 6.61 31.08 -1.01
C GLY B 533 6.77 30.83 0.46
N VAL B 534 6.77 29.57 0.90
CA VAL B 534 6.82 29.29 2.36
C VAL B 534 8.25 29.49 2.85
N ARG B 535 9.27 29.17 2.04
CA ARG B 535 10.68 29.43 2.42
C ARG B 535 10.91 30.95 2.62
N GLU B 536 10.42 31.76 1.69
CA GLU B 536 10.59 33.25 1.71
C GLU B 536 9.90 33.85 2.94
N LEU B 537 8.71 33.37 3.30
CA LEU B 537 7.96 33.93 4.46
C LEU B 537 8.56 33.43 5.76
N ALA B 538 9.07 32.18 5.78
CA ALA B 538 9.65 31.55 6.99
C ALA B 538 10.76 32.45 7.57
N VAL B 539 11.65 32.99 6.73
CA VAL B 539 12.85 33.73 7.24
C VAL B 539 12.39 35.07 7.85
N GLN B 540 11.19 35.55 7.53
CA GLN B 540 10.66 36.85 8.02
C GLN B 540 9.99 36.68 9.39
N HIS B 541 9.90 35.44 9.91
CA HIS B 541 9.18 35.12 11.17
C HIS B 541 10.15 34.46 12.16
N LYS B 542 9.72 34.31 13.41
CA LYS B 542 10.54 33.81 14.55
C LYS B 542 10.19 32.36 14.89
N LEU B 543 8.99 31.92 14.49
CA LEU B 543 8.45 30.57 14.75
C LEU B 543 7.54 30.20 13.59
N LEU B 544 7.68 28.98 13.04
CA LEU B 544 6.77 28.46 12.01
C LEU B 544 5.97 27.31 12.65
N VAL B 545 4.64 27.38 12.52
CA VAL B 545 3.73 26.34 13.03
C VAL B 545 2.90 25.88 11.84
N THR B 546 2.94 24.59 11.56
CA THR B 546 2.08 23.97 10.54
C THR B 546 0.87 23.36 11.28
N LEU B 547 -0.33 23.57 10.74
CA LEU B 547 -1.59 23.06 11.32
C LEU B 547 -2.30 22.23 10.25
N GLU B 548 -2.35 20.92 10.47
CA GLU B 548 -2.77 19.95 9.41
C GLU B 548 -3.72 18.91 10.00
N ASP B 549 -4.72 18.56 9.19
CA ASP B 549 -5.74 17.51 9.48
C ASP B 549 -5.18 16.21 8.92
N ASN B 550 -4.10 15.73 9.51
CA ASN B 550 -3.31 14.59 9.02
C ASN B 550 -2.39 14.18 10.17
N GLY B 551 -1.99 12.91 10.22
CA GLY B 551 -1.00 12.45 11.19
C GLY B 551 0.28 13.28 11.11
N VAL B 552 0.88 13.59 12.26
CA VAL B 552 2.10 14.44 12.33
C VAL B 552 3.32 13.71 11.74
N ASN B 553 3.37 12.38 11.81
CA ASN B 553 4.56 11.62 11.35
C ASN B 553 4.62 11.65 9.83
N GLY B 554 5.65 12.30 9.29
CA GLY B 554 5.86 12.50 7.83
C GLY B 554 4.81 13.40 7.21
N GLY B 555 4.05 14.12 8.04
CA GLY B 555 2.98 15.00 7.56
C GLY B 555 3.53 16.31 6.97
N ALA B 556 2.63 17.23 6.68
CA ALA B 556 2.96 18.51 6.02
C ALA B 556 3.93 19.32 6.89
N GLY B 557 3.75 19.31 8.21
CA GLY B 557 4.61 20.06 9.15
C GLY B 557 6.05 19.57 9.06
N SER B 558 6.23 18.26 9.09
CA SER B 558 7.56 17.63 9.00
CA SER B 558 7.55 17.60 8.98
C SER B 558 8.17 17.94 7.63
N ALA B 559 7.35 17.98 6.56
CA ALA B 559 7.79 18.27 5.19
C ALA B 559 8.25 19.74 5.12
N VAL B 560 7.51 20.64 5.77
CA VAL B 560 7.88 22.09 5.80
C VAL B 560 9.21 22.23 6.54
N SER B 561 9.35 21.61 7.72
CA SER B 561 10.63 21.65 8.48
C SER B 561 11.77 21.12 7.60
N ALA B 562 11.58 19.96 6.95
CA ALA B 562 12.63 19.34 6.11
C ALA B 562 13.02 20.29 4.99
N ALA B 563 12.04 20.95 4.37
CA ALA B 563 12.30 21.87 3.22
C ALA B 563 13.11 23.08 3.71
N LEU B 564 12.74 23.65 4.86
CA LEU B 564 13.48 24.80 5.45
C LEU B 564 14.92 24.37 5.74
N ARG B 565 15.10 23.24 6.43
CA ARG B 565 16.45 22.79 6.87
C ARG B 565 17.31 22.49 5.63
N ARG B 566 16.74 21.90 4.57
CA ARG B 566 17.47 21.64 3.30
CA ARG B 566 17.43 21.65 3.28
C ARG B 566 17.97 22.96 2.70
N ALA B 567 17.24 24.07 2.91
CA ALA B 567 17.56 25.42 2.42
C ALA B 567 18.36 26.23 3.45
N GLU B 568 18.85 25.61 4.52
CA GLU B 568 19.73 26.21 5.57
C GLU B 568 18.92 27.22 6.40
N ILE B 569 17.62 26.99 6.59
CA ILE B 569 16.70 27.86 7.37
C ILE B 569 16.37 27.11 8.66
N ASP B 570 16.85 27.60 9.79
CA ASP B 570 16.72 26.89 11.09
C ASP B 570 15.78 27.64 12.02
N VAL B 571 14.90 28.49 11.47
CA VAL B 571 13.72 29.04 12.21
C VAL B 571 13.03 27.86 12.90
N PRO B 572 12.73 27.92 14.21
CA PRO B 572 12.04 26.83 14.89
C PRO B 572 10.68 26.55 14.22
N CYS B 573 10.43 25.27 13.96
CA CYS B 573 9.18 24.73 13.37
C CYS B 573 8.48 23.82 14.39
N ARG B 574 7.16 23.86 14.42
CA ARG B 574 6.33 22.94 15.23
C ARG B 574 5.27 22.35 14.30
N ASP B 575 4.99 21.09 14.51
CA ASP B 575 4.09 20.27 13.66
C ASP B 575 2.79 20.07 14.45
N VAL B 576 1.77 20.92 14.23
CA VAL B 576 0.49 20.77 14.97
C VAL B 576 -0.46 19.98 14.08
N GLY B 577 -0.83 18.79 14.53
CA GLY B 577 -1.77 17.96 13.76
C GLY B 577 -2.20 16.80 14.61
N LEU B 578 -2.63 15.73 13.95
CA LEU B 578 -3.14 14.53 14.64
C LEU B 578 -1.96 13.72 15.14
N PRO B 579 -1.93 13.37 16.44
CA PRO B 579 -0.99 12.36 16.92
C PRO B 579 -1.10 11.08 16.09
N GLN B 580 0.04 10.42 15.91
CA GLN B 580 0.15 9.21 15.06
C GLN B 580 -0.45 8.03 15.81
N GLU B 581 -1.78 7.98 15.88
CA GLU B 581 -2.56 7.07 16.75
CA GLU B 581 -2.53 7.02 16.72
C GLU B 581 -3.83 6.65 16.01
N PHE B 582 -4.38 5.50 16.36
CA PHE B 582 -5.73 5.08 15.90
C PHE B 582 -6.74 5.65 16.88
N TYR B 583 -7.78 6.35 16.40
CA TYR B 583 -8.79 6.97 17.28
C TYR B 583 -10.08 6.15 17.32
N GLU B 584 -10.65 6.06 18.52
CA GLU B 584 -12.02 5.54 18.75
C GLU B 584 -13.02 6.43 18.02
N HIS B 585 -14.18 5.86 17.73
CA HIS B 585 -15.30 6.59 17.07
C HIS B 585 -15.81 7.71 17.97
N ALA B 586 -16.05 8.87 17.39
CA ALA B 586 -16.73 10.03 18.00
C ALA B 586 -17.04 10.97 16.84
N SER B 587 -17.73 12.08 17.07
CA SER B 587 -17.93 13.08 16.01
C SER B 587 -16.55 13.68 15.68
N ARG B 588 -16.40 14.24 14.48
CA ARG B 588 -15.16 14.96 14.10
C ARG B 588 -14.89 16.02 15.18
N SER B 589 -15.87 16.82 15.59
CA SER B 589 -15.60 17.94 16.54
C SER B 589 -15.13 17.37 17.89
N GLU B 590 -15.68 16.23 18.32
CA GLU B 590 -15.27 15.59 19.59
C GLU B 590 -13.84 15.06 19.50
N VAL B 591 -13.49 14.38 18.40
CA VAL B 591 -12.11 13.87 18.19
C VAL B 591 -11.15 15.06 18.26
N LEU B 592 -11.43 16.14 17.54
CA LEU B 592 -10.49 17.31 17.47
C LEU B 592 -10.43 17.97 18.85
N ALA B 593 -11.57 18.10 19.55
CA ALA B 593 -11.59 18.67 20.93
C ALA B 593 -10.70 17.83 21.85
N ASP B 594 -10.85 16.51 21.78
CA ASP B 594 -10.15 15.56 22.70
C ASP B 594 -8.64 15.64 22.46
N LEU B 595 -8.19 15.97 21.24
CA LEU B 595 -6.75 16.05 20.89
C LEU B 595 -6.20 17.46 21.12
N GLY B 596 -7.03 18.42 21.50
CA GLY B 596 -6.58 19.81 21.68
C GLY B 596 -6.36 20.50 20.34
N LEU B 597 -6.96 19.98 19.26
CA LEU B 597 -6.98 20.68 17.95
C LEU B 597 -8.24 21.56 17.90
N THR B 598 -8.19 22.62 18.69
CA THR B 598 -9.20 23.70 18.73
C THR B 598 -8.44 25.02 18.66
N ASP B 599 -9.06 26.09 18.23
CA ASP B 599 -8.35 27.40 18.17
C ASP B 599 -7.86 27.78 19.58
N GLN B 600 -8.64 27.52 20.63
CA GLN B 600 -8.25 27.91 22.02
C GLN B 600 -6.97 27.16 22.41
N ASP B 601 -6.93 25.85 22.20
CA ASP B 601 -5.84 24.98 22.71
C ASP B 601 -4.57 25.24 21.90
N VAL B 602 -4.69 25.37 20.57
CA VAL B 602 -3.54 25.63 19.66
C VAL B 602 -2.97 27.02 19.94
N ALA B 603 -3.81 28.02 20.16
CA ALA B 603 -3.35 29.40 20.49
C ALA B 603 -2.58 29.37 21.81
N ARG B 604 -3.05 28.61 22.81
CA ARG B 604 -2.35 28.50 24.11
CA ARG B 604 -2.36 28.47 24.11
C ARG B 604 -0.98 27.84 23.87
N ARG B 605 -0.91 26.77 23.06
CA ARG B 605 0.39 26.11 22.78
C ARG B 605 1.34 27.10 22.11
N ILE B 606 0.86 27.88 21.13
CA ILE B 606 1.75 28.79 20.35
C ILE B 606 2.21 29.92 21.28
N THR B 607 1.33 30.41 22.15
CA THR B 607 1.68 31.43 23.17
C THR B 607 2.89 30.94 23.97
N GLY B 608 2.86 29.67 24.41
CA GLY B 608 3.94 29.02 25.19
C GLY B 608 5.24 28.95 24.40
N TRP B 609 5.18 28.57 23.13
CA TRP B 609 6.36 28.51 22.22
C TRP B 609 6.95 29.91 22.02
N VAL B 610 6.11 30.91 21.79
CA VAL B 610 6.61 32.29 21.55
C VAL B 610 7.27 32.80 22.84
N ALA B 611 6.67 32.58 24.01
CA ALA B 611 7.22 33.03 25.33
C ALA B 611 8.60 32.39 25.54
N ALA B 612 8.77 31.14 25.11
CA ALA B 612 9.99 30.34 25.38
C ALA B 612 11.08 30.60 24.34
N LEU B 613 10.84 31.38 23.28
CA LEU B 613 11.90 31.65 22.26
C LEU B 613 13.15 32.16 23.00
N GLY B 614 14.34 31.64 22.64
CA GLY B 614 15.63 31.97 23.27
C GLY B 614 15.97 31.04 24.43
MG MG C . 6.78 -18.83 -13.30
N1' TPP D . 6.98 -9.32 -5.36
C2' TPP D . 6.62 -8.40 -6.27
CM2 TPP D . 5.42 -7.55 -5.98
N3' TPP D . 7.22 -8.23 -7.45
C4' TPP D . 8.30 -9.00 -7.71
N4' TPP D . 8.93 -8.77 -8.87
C5' TPP D . 8.74 -10.02 -6.83
C6' TPP D . 8.04 -10.09 -5.64
C7' TPP D . 9.97 -10.90 -7.12
N3 TPP D . 9.75 -11.97 -8.13
C2 TPP D . 10.23 -11.88 -9.38
S1 TPP D . 9.79 -13.23 -10.33
C5 TPP D . 9.11 -14.02 -8.94
C4 TPP D . 9.13 -13.20 -7.86
CM4 TPP D . 8.63 -13.53 -6.49
C6 TPP D . 8.65 -15.46 -9.01
C7 TPP D . 8.36 -16.03 -10.39
O7 TPP D . 7.22 -15.35 -10.96
PA TPP D . 6.68 -15.66 -12.44
O1A TPP D . 5.71 -14.55 -12.68
O2A TPP D . 6.16 -17.06 -12.50
O3A TPP D . 7.97 -15.48 -13.36
PB TPP D . 9.04 -16.56 -13.99
O1B TPP D . 10.39 -16.10 -13.61
O2B TPP D . 8.67 -17.90 -13.33
O3B TPP D . 8.78 -16.53 -15.49
HM21 TPP D . 5.25 -6.96 -6.74
HM22 TPP D . 5.58 -7.02 -5.19
HM23 TPP D . 4.64 -8.12 -5.83
HN41 TPP D . 9.62 -9.26 -9.10
HN42 TPP D . 8.65 -8.13 -9.41
H6' TPP D . 8.34 -10.70 -4.98
H7'1 TPP D . 10.24 -11.35 -6.29
H7'2 TPP D . 10.69 -10.33 -7.46
H2 TPP D . 10.74 -11.16 -9.69
HM41 TPP D . 8.29 -14.44 -6.48
HM42 TPP D . 7.93 -12.91 -6.24
HM43 TPP D . 9.37 -13.46 -5.86
H61 TPP D . 7.81 -15.55 -8.51
H62 TPP D . 9.34 -16.04 -8.62
H71 TPP D . 8.16 -16.98 -10.31
H72 TPP D . 9.12 -15.91 -10.96
MG MG E . -22.98 -6.43 -1.77
N1' TPP F . -12.69 0.31 -0.29
C2' TPP F . -12.22 -0.46 0.70
CM2 TPP F . -10.84 -1.00 0.61
N3' TPP F . -12.92 -0.75 1.82
C4' TPP F . -14.16 -0.25 1.94
N4' TPP F . -14.80 -0.53 3.09
C5' TPP F . -14.76 0.52 0.92
C6' TPP F . -13.96 0.76 -0.18
C7' TPP F . -16.18 1.07 1.03
N3 TPP F . -17.24 0.04 0.82
C2 TPP F . -17.93 -0.46 1.85
S1 TPP F . -19.19 -1.52 1.36
C5 TPP F . -18.80 -1.21 -0.30
C4 TPP F . -17.72 -0.38 -0.41
CM4 TPP F . -17.11 0.15 -1.67
C6 TPP F . -19.66 -1.76 -1.42
C7 TPP F . -20.50 -3.01 -1.07
O7 TPP F . -19.62 -4.11 -0.72
PA TPP F . -20.22 -5.53 -0.26
O1A TPP F . -19.00 -6.25 0.21
O2A TPP F . -21.03 -6.16 -1.35
O3A TPP F . -21.17 -5.12 0.96
PB TPP F . -22.81 -4.90 1.10
O1B TPP F . -23.00 -3.61 1.77
O2B TPP F . -23.31 -4.98 -0.34
O3B TPP F . -23.25 -6.09 1.93
HM21 TPP F . -10.63 -1.53 1.40
HM22 TPP F . -10.21 -0.27 0.53
HM23 TPP F . -10.77 -1.57 -0.18
HN41 TPP F . -15.63 -0.24 3.22
HN42 TPP F . -14.41 -1.01 3.71
H6' TPP F . -14.30 1.29 -0.87
H7'1 TPP F . -16.31 1.75 0.33
H7'2 TPP F . -16.31 1.45 1.91
H2 TPP F . -17.73 -0.26 2.76
HM41 TPP F . -17.60 -0.19 -2.44
HM42 TPP F . -16.19 -0.14 -1.73
HM43 TPP F . -17.15 1.12 -1.68
H61 TPP F . -19.10 -2.02 -2.17
H62 TPP F . -20.31 -1.08 -1.70
H71 TPP F . -21.03 -3.27 -1.84
H72 TPP F . -21.08 -2.82 -0.33
#